data_6NMM
#
_entry.id   6NMM
#
_cell.length_a   85.510
_cell.length_b   59.250
_cell.length_c   102.040
_cell.angle_alpha   90.00
_cell.angle_beta   94.80
_cell.angle_gamma   90.00
#
_symmetry.space_group_name_H-M   'P 1 21 1'
#
loop_
_entity.id
_entity.type
_entity.pdbx_description
1 polymer 'Kanamycin nucleotidyltransferase'
2 non-polymer NEOMYCIN
3 non-polymer 'ADENOSINE MONOPHOSPHATE'
4 non-polymer PYROPHOSPHATE
5 non-polymer 'MAGNESIUM ION'
6 water water
#
_entity_poly.entity_id   1
_entity_poly.type   'polypeptide(L)'
_entity_poly.pdbx_seq_one_letter_code
;GSHMNGPIIMTREERMKIVHEIKERILDKYGDDVKAIGVYGSLGRQTDGPYSDIEMMCVMSTEEAEFSHEWTTGEWKVEV
NFDSEEILLDYASQVESDWPLTHGQFFSILPIYDSGGYLEKVYQTAKSVEAQKFHDAICALIVEELFEYAGKWRNIRVQG
PTTFLPSLTVQVAMAGAMLIGLHHRICYTTSASVLTEAVKQSDLPSGYDHLCQFVMSGQLSDSEKLLESLENFWNGIQEW
TERHGYIVDVSKRIPF
;
_entity_poly.pdbx_strand_id   A,B,C,D
#
loop_
_chem_comp.id
_chem_comp.type
_chem_comp.name
_chem_comp.formula
AMP non-polymer 'ADENOSINE MONOPHOSPHATE' 'C10 H14 N5 O7 P'
MG non-polymer 'MAGNESIUM ION' 'Mg 2'
NMY non-polymer NEOMYCIN 'C23 H46 N6 O13'
PPV non-polymer PYROPHOSPHATE 'H4 O7 P2'
#
# COMPACT_ATOMS: atom_id res chain seq x y z
N ASN A 5 -35.67 26.47 -26.97
CA ASN A 5 -34.23 26.51 -26.77
C ASN A 5 -33.89 26.04 -25.35
N GLY A 6 -33.09 24.98 -25.26
CA GLY A 6 -32.72 24.43 -23.98
C GLY A 6 -33.88 23.81 -23.24
N PRO A 7 -33.60 23.24 -22.07
CA PRO A 7 -34.68 22.64 -21.27
C PRO A 7 -35.66 23.69 -20.77
N ILE A 8 -36.94 23.36 -20.84
CA ILE A 8 -38.00 24.22 -20.37
C ILE A 8 -38.39 23.77 -18.96
N ILE A 9 -39.12 24.63 -18.25
CA ILE A 9 -39.61 24.27 -16.92
C ILE A 9 -40.70 23.21 -17.07
N MET A 10 -40.58 22.15 -16.27
CA MET A 10 -41.58 21.09 -16.23
C MET A 10 -41.84 20.71 -14.77
N THR A 11 -43.03 20.19 -14.52
CA THR A 11 -43.40 19.70 -13.20
C THR A 11 -43.17 18.20 -13.08
N ARG A 12 -43.22 17.72 -11.84
CA ARG A 12 -43.06 16.29 -11.58
C ARG A 12 -44.21 15.50 -12.19
N GLU A 13 -45.41 16.09 -12.26
CA GLU A 13 -46.55 15.42 -12.85
C GLU A 13 -46.39 15.27 -14.36
N GLU A 14 -45.80 16.26 -15.02
CA GLU A 14 -45.59 16.18 -16.46
C GLU A 14 -44.53 15.16 -16.81
N ARG A 15 -43.49 15.03 -15.98
CA ARG A 15 -42.44 14.05 -16.24
C ARG A 15 -42.94 12.62 -16.03
N MET A 16 -43.76 12.42 -14.99
CA MET A 16 -44.33 11.09 -14.76
C MET A 16 -45.31 10.71 -15.85
N LYS A 17 -45.99 11.69 -16.45
CA LYS A 17 -46.84 11.42 -17.60
C LYS A 17 -46.02 10.91 -18.77
N ILE A 18 -44.86 11.52 -19.02
CA ILE A 18 -43.98 11.08 -20.10
C ILE A 18 -43.43 9.69 -19.82
N VAL A 19 -43.10 9.42 -18.55
CA VAL A 19 -42.52 8.12 -18.19
C VAL A 19 -43.49 6.99 -18.54
N HIS A 20 -44.77 7.16 -18.21
CA HIS A 20 -45.74 6.10 -18.46
C HIS A 20 -46.08 5.99 -19.95
N GLU A 21 -45.94 7.07 -20.71
CA GLU A 21 -46.04 6.96 -22.16
C GLU A 21 -44.90 6.12 -22.72
N ILE A 22 -43.69 6.28 -22.17
CA ILE A 22 -42.55 5.52 -22.64
C ILE A 22 -42.66 4.06 -22.22
N LYS A 23 -43.17 3.81 -21.01
CA LYS A 23 -43.37 2.43 -20.57
C LYS A 23 -44.33 1.69 -21.49
N GLU A 24 -45.41 2.37 -21.93
CA GLU A 24 -46.37 1.72 -22.81
C GLU A 24 -45.76 1.43 -24.17
N ARG A 25 -44.86 2.29 -24.65
CA ARG A 25 -44.20 2.03 -25.92
C ARG A 25 -43.15 0.92 -25.78
N ILE A 26 -42.50 0.83 -24.63
CA ILE A 26 -41.54 -0.24 -24.39
C ILE A 26 -42.27 -1.58 -24.31
N LEU A 27 -43.42 -1.61 -23.64
CA LEU A 27 -44.19 -2.84 -23.53
C LEU A 27 -44.82 -3.24 -24.86
N ASP A 28 -45.23 -2.25 -25.67
CA ASP A 28 -45.80 -2.58 -26.98
C ASP A 28 -44.74 -3.14 -27.92
N LYS A 29 -43.50 -2.63 -27.83
CA LYS A 29 -42.47 -3.00 -28.80
C LYS A 29 -41.82 -4.34 -28.44
N TYR A 30 -41.62 -4.61 -27.14
CA TYR A 30 -40.88 -5.80 -26.72
C TYR A 30 -41.74 -6.84 -26.01
N GLY A 31 -42.98 -6.52 -25.67
CA GLY A 31 -43.88 -7.54 -25.13
C GLY A 31 -43.38 -8.11 -23.81
N ASP A 32 -43.39 -9.44 -23.73
CA ASP A 32 -42.99 -10.15 -22.52
C ASP A 32 -41.49 -10.41 -22.45
N ASP A 33 -40.70 -9.74 -23.28
CA ASP A 33 -39.25 -9.72 -23.09
C ASP A 33 -38.82 -8.74 -22.01
N VAL A 34 -39.72 -7.85 -21.59
CA VAL A 34 -39.40 -6.87 -20.56
C VAL A 34 -39.52 -7.53 -19.19
N LYS A 35 -38.44 -7.52 -18.43
CA LYS A 35 -38.44 -8.03 -17.06
C LYS A 35 -38.83 -6.94 -16.07
N ALA A 36 -38.33 -5.72 -16.26
CA ALA A 36 -38.61 -4.64 -15.32
C ALA A 36 -38.40 -3.30 -16.00
N ILE A 37 -39.11 -2.29 -15.49
CA ILE A 37 -38.95 -0.90 -15.89
C ILE A 37 -38.88 -0.05 -14.63
N GLY A 38 -37.86 0.80 -14.53
CA GLY A 38 -37.68 1.62 -13.36
C GLY A 38 -37.19 3.01 -13.74
N VAL A 39 -37.39 3.94 -12.82
CA VAL A 39 -36.94 5.32 -12.97
C VAL A 39 -35.82 5.57 -11.98
N TYR A 40 -34.72 6.15 -12.46
CA TYR A 40 -33.64 6.57 -11.56
C TYR A 40 -33.31 8.04 -11.80
N GLY A 41 -32.23 8.51 -11.22
CA GLY A 41 -31.91 9.92 -11.28
C GLY A 41 -32.73 10.71 -10.28
N SER A 42 -32.87 12.01 -10.56
CA SER A 42 -33.60 12.88 -9.64
C SER A 42 -35.09 12.61 -9.65
N LEU A 43 -35.64 12.21 -10.80
CA LEU A 43 -37.05 11.86 -10.86
C LEU A 43 -37.35 10.59 -10.08
N GLY A 44 -36.45 9.60 -10.14
CA GLY A 44 -36.62 8.40 -9.34
C GLY A 44 -36.51 8.63 -7.85
N ARG A 45 -35.83 9.71 -7.44
CA ARG A 45 -35.77 10.12 -6.05
C ARG A 45 -36.87 11.10 -5.69
N GLN A 46 -37.68 11.52 -6.68
CA GLN A 46 -38.75 12.50 -6.47
C GLN A 46 -38.19 13.81 -5.89
N THR A 47 -37.01 14.20 -6.36
CA THR A 47 -36.40 15.48 -6.02
C THR A 47 -36.07 16.30 -7.26
N ASP A 48 -36.75 16.01 -8.37
CA ASP A 48 -36.48 16.70 -9.62
C ASP A 48 -36.84 18.17 -9.54
N GLY A 49 -36.00 19.02 -10.12
CA GLY A 49 -36.22 20.45 -10.15
C GLY A 49 -36.95 20.87 -11.41
N PRO A 50 -37.13 22.19 -11.58
CA PRO A 50 -37.85 22.68 -12.77
C PRO A 50 -37.22 22.28 -14.10
N TYR A 51 -35.88 22.22 -14.16
CA TYR A 51 -35.18 21.96 -15.42
C TYR A 51 -34.59 20.57 -15.50
N SER A 52 -35.00 19.65 -14.63
CA SER A 52 -34.43 18.30 -14.62
C SER A 52 -34.94 17.50 -15.81
N ASP A 53 -34.14 16.50 -16.20
CA ASP A 53 -34.47 15.60 -17.30
C ASP A 53 -35.02 14.30 -16.73
N ILE A 54 -35.05 13.24 -17.55
CA ILE A 54 -35.64 11.96 -17.18
C ILE A 54 -34.66 10.85 -17.53
N GLU A 55 -34.45 9.93 -16.60
CA GLU A 55 -33.60 8.77 -16.82
C GLU A 55 -34.38 7.53 -16.41
N MET A 56 -34.42 6.53 -17.30
CA MET A 56 -35.12 5.28 -17.05
C MET A 56 -34.20 4.10 -17.36
N MET A 57 -34.45 2.99 -16.69
CA MET A 57 -33.71 1.75 -16.91
C MET A 57 -34.69 0.62 -17.17
N CYS A 58 -34.28 -0.32 -18.02
N CYS A 58 -34.28 -0.31 -18.02
CA CYS A 58 -35.13 -1.44 -18.42
CA CYS A 58 -35.12 -1.44 -18.42
C CYS A 58 -34.31 -2.71 -18.43
C CYS A 58 -34.30 -2.71 -18.41
N VAL A 59 -34.84 -3.76 -17.79
CA VAL A 59 -34.18 -5.06 -17.72
C VAL A 59 -34.87 -5.98 -18.72
N MET A 60 -34.09 -6.55 -19.63
CA MET A 60 -34.61 -7.43 -20.66
C MET A 60 -34.30 -8.89 -20.34
N SER A 61 -35.15 -9.79 -20.84
CA SER A 61 -34.86 -11.21 -20.73
C SER A 61 -33.95 -11.69 -21.84
N THR A 62 -33.96 -10.99 -22.98
CA THR A 62 -33.03 -11.29 -24.06
C THR A 62 -31.60 -11.20 -23.55
N GLU A 63 -30.89 -12.33 -23.55
CA GLU A 63 -29.55 -12.35 -22.99
C GLU A 63 -28.61 -11.49 -23.83
N GLU A 64 -27.59 -10.94 -23.16
CA GLU A 64 -26.55 -10.12 -23.78
C GLU A 64 -27.10 -8.81 -24.33
N ALA A 65 -28.31 -8.41 -23.92
CA ALA A 65 -28.91 -7.19 -24.45
C ALA A 65 -28.28 -5.96 -23.80
N GLU A 66 -27.88 -4.99 -24.63
CA GLU A 66 -27.27 -3.77 -24.12
C GLU A 66 -27.44 -2.68 -25.20
N PHE A 67 -28.40 -1.79 -24.98
CA PHE A 67 -28.56 -0.64 -25.86
C PHE A 67 -29.25 0.47 -25.06
N SER A 68 -29.31 1.65 -25.66
CA SER A 68 -29.84 2.82 -24.98
C SER A 68 -30.45 3.77 -26.00
N HIS A 69 -31.53 4.44 -25.60
CA HIS A 69 -32.17 5.47 -26.41
C HIS A 69 -32.14 6.77 -25.64
N GLU A 70 -31.52 7.78 -26.23
CA GLU A 70 -31.34 9.08 -25.59
C GLU A 70 -31.62 10.16 -26.62
N TRP A 71 -32.57 11.04 -26.32
CA TRP A 71 -33.04 12.00 -27.31
C TRP A 71 -33.58 13.23 -26.62
N THR A 72 -33.83 14.27 -27.43
CA THR A 72 -34.48 15.48 -26.98
C THR A 72 -35.53 15.89 -28.00
N THR A 73 -36.57 16.56 -27.52
CA THR A 73 -37.60 17.14 -28.38
C THR A 73 -37.40 18.62 -28.60
N GLY A 74 -36.24 19.15 -28.22
CA GLY A 74 -36.01 20.58 -28.20
C GLY A 74 -36.43 21.26 -26.91
N GLU A 75 -37.35 20.65 -26.16
CA GLU A 75 -37.82 21.18 -24.89
C GLU A 75 -37.38 20.36 -23.68
N TRP A 76 -37.27 19.05 -23.82
CA TRP A 76 -36.85 18.17 -22.74
C TRP A 76 -36.07 16.98 -23.28
N LYS A 77 -35.44 16.26 -22.37
CA LYS A 77 -34.49 15.20 -22.71
C LYS A 77 -34.79 13.94 -21.92
N VAL A 78 -34.65 12.78 -22.56
CA VAL A 78 -34.92 11.48 -21.95
C VAL A 78 -33.78 10.53 -22.29
N GLU A 79 -33.46 9.65 -21.33
CA GLU A 79 -32.52 8.56 -21.55
C GLU A 79 -33.10 7.27 -20.98
N VAL A 80 -33.14 6.22 -21.80
CA VAL A 80 -33.68 4.91 -21.41
C VAL A 80 -32.59 3.88 -21.64
N ASN A 81 -32.24 3.15 -20.58
CA ASN A 81 -31.22 2.11 -20.64
C ASN A 81 -31.86 0.74 -20.72
N PHE A 82 -31.32 -0.11 -21.58
CA PHE A 82 -31.78 -1.49 -21.75
C PHE A 82 -30.63 -2.43 -21.50
N ASP A 83 -30.80 -3.32 -20.52
CA ASP A 83 -29.76 -4.28 -20.15
C ASP A 83 -30.39 -5.63 -19.85
N SER A 84 -29.65 -6.69 -20.16
CA SER A 84 -30.03 -8.00 -19.66
C SER A 84 -29.78 -8.05 -18.15
N GLU A 85 -30.42 -9.01 -17.49
CA GLU A 85 -30.27 -9.11 -16.04
C GLU A 85 -28.82 -9.35 -15.63
N GLU A 86 -28.09 -10.13 -16.44
CA GLU A 86 -26.70 -10.45 -16.09
C GLU A 86 -25.78 -9.26 -16.32
N ILE A 87 -26.00 -8.51 -17.41
CA ILE A 87 -25.18 -7.34 -17.68
C ILE A 87 -25.38 -6.28 -16.60
N LEU A 88 -26.63 -6.05 -16.19
CA LEU A 88 -26.90 -5.04 -15.18
C LEU A 88 -26.37 -5.46 -13.81
N LEU A 89 -26.58 -6.73 -13.43
CA LEU A 89 -26.07 -7.21 -12.15
C LEU A 89 -24.54 -7.21 -12.11
N ASP A 90 -23.90 -7.57 -13.22
CA ASP A 90 -22.44 -7.52 -13.29
C ASP A 90 -21.93 -6.10 -13.08
N TYR A 91 -22.50 -5.14 -13.82
CA TYR A 91 -22.07 -3.76 -13.69
C TYR A 91 -22.33 -3.22 -12.30
N ALA A 92 -23.42 -3.65 -11.66
CA ALA A 92 -23.73 -3.19 -10.32
C ALA A 92 -22.78 -3.76 -9.27
N SER A 93 -21.97 -4.76 -9.62
CA SER A 93 -21.04 -5.39 -8.70
C SER A 93 -19.59 -5.10 -9.04
N GLN A 94 -19.34 -4.23 -10.01
CA GLN A 94 -17.99 -3.79 -10.34
C GLN A 94 -17.75 -2.42 -9.74
N VAL A 95 -16.58 -2.24 -9.13
CA VAL A 95 -16.23 -1.00 -8.46
C VAL A 95 -15.12 -0.33 -9.27
N GLU A 96 -15.45 0.78 -9.92
CA GLU A 96 -14.48 1.56 -10.67
C GLU A 96 -14.02 2.73 -9.82
N SER A 97 -13.15 3.57 -10.40
CA SER A 97 -12.68 4.75 -9.70
C SER A 97 -13.81 5.74 -9.44
N ASP A 98 -14.80 5.78 -10.33
CA ASP A 98 -15.93 6.70 -10.20
C ASP A 98 -17.17 6.01 -9.65
N TRP A 99 -17.01 4.89 -8.96
CA TRP A 99 -18.14 4.22 -8.31
C TRP A 99 -18.96 5.14 -7.40
N PRO A 100 -18.37 5.98 -6.54
CA PRO A 100 -19.21 6.87 -5.72
C PRO A 100 -20.07 7.83 -6.53
N LEU A 101 -19.71 8.11 -7.78
CA LEU A 101 -20.48 9.03 -8.60
C LEU A 101 -21.55 8.34 -9.43
N THR A 102 -21.33 7.09 -9.83
CA THR A 102 -22.19 6.40 -10.77
C THR A 102 -23.21 5.48 -10.13
N HIS A 103 -22.83 4.71 -9.12
CA HIS A 103 -23.65 3.60 -8.65
C HIS A 103 -24.75 4.00 -7.67
N GLY A 104 -24.89 5.28 -7.35
CA GLY A 104 -26.05 5.70 -6.60
C GLY A 104 -27.36 5.49 -7.33
N GLN A 105 -27.30 5.29 -8.65
CA GLN A 105 -28.50 5.06 -9.44
C GLN A 105 -29.25 3.80 -9.04
N PHE A 106 -28.61 2.87 -8.36
CA PHE A 106 -29.22 1.59 -7.99
C PHE A 106 -29.88 1.61 -6.61
N PHE A 107 -29.74 2.70 -5.86
CA PHE A 107 -30.21 2.75 -4.48
C PHE A 107 -31.54 3.50 -4.32
N SER A 108 -32.10 4.06 -5.38
CA SER A 108 -33.35 4.80 -5.27
C SER A 108 -34.19 4.61 -6.53
N ILE A 109 -34.30 3.38 -7.00
CA ILE A 109 -35.06 3.08 -8.21
C ILE A 109 -36.55 3.14 -7.89
N LEU A 110 -37.30 3.87 -8.73
CA LEU A 110 -38.75 3.95 -8.58
C LEU A 110 -39.38 2.85 -9.43
N PRO A 111 -39.98 1.83 -8.83
CA PRO A 111 -40.52 0.71 -9.63
C PRO A 111 -41.73 1.12 -10.44
N ILE A 112 -41.78 0.64 -11.69
CA ILE A 112 -42.87 0.90 -12.60
C ILE A 112 -43.42 -0.42 -13.12
N TYR A 113 -42.53 -1.38 -13.34
CA TYR A 113 -42.91 -2.71 -13.81
C TYR A 113 -41.82 -3.67 -13.38
N ASP A 114 -42.22 -4.86 -12.90
CA ASP A 114 -41.24 -5.86 -12.46
C ASP A 114 -41.93 -7.22 -12.42
N SER A 115 -41.53 -8.11 -13.31
CA SER A 115 -42.17 -9.42 -13.39
C SER A 115 -41.66 -10.37 -12.31
N GLY A 116 -40.38 -10.27 -11.93
CA GLY A 116 -39.81 -11.19 -10.97
C GLY A 116 -38.88 -10.57 -9.95
N GLY A 117 -39.20 -9.38 -9.47
CA GLY A 117 -38.40 -8.75 -8.43
C GLY A 117 -36.99 -8.39 -8.87
N TYR A 118 -36.80 -8.07 -10.15
CA TYR A 118 -35.46 -7.79 -10.65
C TYR A 118 -34.91 -6.49 -10.10
N LEU A 119 -35.75 -5.47 -9.95
CA LEU A 119 -35.29 -4.19 -9.43
C LEU A 119 -34.77 -4.32 -8.01
N GLU A 120 -35.38 -5.19 -7.20
CA GLU A 120 -34.90 -5.41 -5.84
C GLU A 120 -33.59 -6.18 -5.83
N LYS A 121 -33.43 -7.14 -6.75
CA LYS A 121 -32.20 -7.92 -6.81
C LYS A 121 -31.01 -7.04 -7.19
N VAL A 122 -31.21 -6.10 -8.11
CA VAL A 122 -30.14 -5.17 -8.46
C VAL A 122 -29.74 -4.33 -7.25
N TYR A 123 -30.72 -3.91 -6.46
CA TYR A 123 -30.41 -3.13 -5.25
C TYR A 123 -29.57 -3.93 -4.28
N GLN A 124 -29.91 -5.20 -4.06
CA GLN A 124 -29.13 -6.03 -3.15
C GLN A 124 -27.73 -6.30 -3.68
N THR A 125 -27.56 -6.33 -5.00
CA THR A 125 -26.23 -6.60 -5.57
C THR A 125 -25.30 -5.41 -5.36
N ALA A 126 -25.75 -4.21 -5.70
CA ALA A 126 -24.92 -3.02 -5.55
C ALA A 126 -24.59 -2.72 -4.10
N LYS A 127 -25.40 -3.22 -3.15
CA LYS A 127 -25.25 -2.91 -1.73
C LYS A 127 -24.49 -3.99 -0.97
N SER A 128 -24.14 -5.10 -1.63
CA SER A 128 -23.48 -6.22 -0.98
C SER A 128 -22.09 -6.48 -1.56
N VAL A 129 -21.45 -5.43 -2.09
CA VAL A 129 -20.13 -5.59 -2.69
C VAL A 129 -19.09 -5.82 -1.62
N GLU A 130 -18.22 -6.81 -1.83
CA GLU A 130 -17.24 -7.21 -0.83
C GLU A 130 -16.14 -6.15 -0.69
N ALA A 131 -15.54 -6.11 0.50
CA ALA A 131 -14.62 -5.02 0.86
C ALA A 131 -13.40 -4.96 -0.06
N GLN A 132 -12.91 -6.13 -0.51
CA GLN A 132 -11.67 -6.15 -1.28
C GLN A 132 -11.77 -5.32 -2.56
N LYS A 133 -12.97 -5.26 -3.15
CA LYS A 133 -13.14 -4.50 -4.41
C LYS A 133 -12.93 -3.01 -4.19
N PHE A 134 -13.39 -2.47 -3.06
CA PHE A 134 -13.15 -1.07 -2.77
C PHE A 134 -11.69 -0.81 -2.46
N HIS A 135 -11.03 -1.75 -1.79
CA HIS A 135 -9.59 -1.63 -1.53
C HIS A 135 -8.81 -1.58 -2.84
N ASP A 136 -9.16 -2.45 -3.79
CA ASP A 136 -8.47 -2.47 -5.08
C ASP A 136 -8.77 -1.23 -5.91
N ALA A 137 -10.02 -0.73 -5.82
CA ALA A 137 -10.36 0.47 -6.58
C ALA A 137 -9.66 1.70 -6.04
N ILE A 138 -9.43 1.76 -4.72
CA ILE A 138 -8.70 2.88 -4.13
C ILE A 138 -7.25 2.88 -4.59
N CYS A 139 -6.61 1.70 -4.60
CA CYS A 139 -5.24 1.61 -5.06
C CYS A 139 -5.14 1.97 -6.54
N ALA A 140 -6.15 1.61 -7.33
CA ALA A 140 -6.14 1.96 -8.75
C ALA A 140 -6.34 3.45 -8.94
N LEU A 141 -7.20 4.07 -8.12
CA LEU A 141 -7.43 5.50 -8.23
C LEU A 141 -6.17 6.30 -7.93
N ILE A 142 -5.40 5.86 -6.93
CA ILE A 142 -4.18 6.56 -6.56
C ILE A 142 -3.17 6.51 -7.69
N VAL A 143 -3.01 5.36 -8.32
CA VAL A 143 -2.02 5.20 -9.37
C VAL A 143 -2.51 5.84 -10.67
N GLU A 144 -3.71 5.46 -11.11
CA GLU A 144 -4.18 5.86 -12.43
C GLU A 144 -4.62 7.31 -12.48
N GLU A 145 -5.06 7.89 -11.36
CA GLU A 145 -5.59 9.25 -11.34
C GLU A 145 -4.74 10.20 -10.52
N LEU A 146 -4.53 9.93 -9.23
CA LEU A 146 -3.87 10.90 -8.36
C LEU A 146 -2.40 11.07 -8.73
N PHE A 147 -1.67 9.96 -8.86
CA PHE A 147 -0.27 10.03 -9.26
C PHE A 147 -0.11 10.70 -10.62
N GLU A 148 -1.07 10.51 -11.53
CA GLU A 148 -1.03 11.17 -12.82
C GLU A 148 -1.17 12.68 -12.68
N TYR A 149 -2.18 13.11 -11.91
CA TYR A 149 -2.39 14.54 -11.72
C TYR A 149 -1.21 15.20 -11.02
N ALA A 150 -0.61 14.50 -10.05
CA ALA A 150 0.54 15.06 -9.33
C ALA A 150 1.67 15.40 -10.29
N GLY A 151 1.93 14.51 -11.26
CA GLY A 151 2.92 14.81 -12.28
C GLY A 151 2.54 15.97 -13.16
N LYS A 152 1.23 16.17 -13.38
CA LYS A 152 0.80 17.24 -14.27
C LYS A 152 0.91 18.61 -13.62
N TRP A 153 0.55 18.73 -12.34
CA TRP A 153 0.67 20.04 -11.69
C TRP A 153 2.12 20.34 -11.31
N ARG A 154 2.93 19.31 -11.05
CA ARG A 154 4.35 19.55 -10.83
C ARG A 154 5.05 20.00 -12.11
N ASN A 155 4.60 19.51 -13.27
CA ASN A 155 5.10 20.04 -14.53
C ASN A 155 4.66 21.49 -14.73
N ILE A 156 3.39 21.79 -14.45
CA ILE A 156 2.88 23.15 -14.62
C ILE A 156 3.69 24.13 -13.78
N ARG A 157 4.12 23.71 -12.59
CA ARG A 157 4.88 24.59 -11.72
C ARG A 157 6.20 25.02 -12.35
N VAL A 158 6.83 24.13 -13.12
CA VAL A 158 8.14 24.43 -13.69
C VAL A 158 8.09 24.83 -15.17
N GLN A 159 7.04 24.46 -15.90
CA GLN A 159 7.01 24.76 -17.33
C GLN A 159 5.63 25.19 -17.84
N GLY A 160 4.65 25.37 -16.97
CA GLY A 160 3.33 25.75 -17.41
C GLY A 160 2.60 24.64 -18.15
N PRO A 161 1.42 24.95 -18.71
CA PRO A 161 0.77 26.25 -18.65
C PRO A 161 -0.13 26.41 -17.42
N THR A 162 -0.08 27.57 -16.77
CA THR A 162 -0.95 27.82 -15.63
C THR A 162 -2.40 27.97 -16.04
N THR A 163 -2.70 28.16 -17.33
CA THR A 163 -4.06 28.25 -17.81
C THR A 163 -4.81 26.93 -17.68
N PHE A 164 -4.12 25.82 -17.42
CA PHE A 164 -4.76 24.55 -17.16
C PHE A 164 -4.96 24.27 -15.68
N LEU A 165 -4.26 24.99 -14.81
CA LEU A 165 -4.34 24.73 -13.37
C LEU A 165 -5.76 24.79 -12.81
N PRO A 166 -6.62 25.76 -13.16
CA PRO A 166 -8.00 25.72 -12.63
C PRO A 166 -8.75 24.47 -13.03
N SER A 167 -8.62 24.04 -14.28
CA SER A 167 -9.30 22.81 -14.72
C SER A 167 -8.74 21.60 -14.01
N LEU A 168 -7.42 21.50 -13.90
CA LEU A 168 -6.79 20.37 -13.22
C LEU A 168 -7.20 20.31 -11.75
N THR A 169 -7.28 21.47 -11.10
CA THR A 169 -7.65 21.50 -9.68
C THR A 169 -9.05 20.97 -9.46
N VAL A 170 -9.98 21.26 -10.37
CA VAL A 170 -11.32 20.69 -10.27
C VAL A 170 -11.26 19.17 -10.41
N GLN A 171 -10.42 18.68 -11.32
CA GLN A 171 -10.30 17.23 -11.51
C GLN A 171 -9.64 16.56 -10.31
N VAL A 172 -8.64 17.21 -9.70
CA VAL A 172 -7.99 16.64 -8.52
C VAL A 172 -8.98 16.58 -7.36
N ALA A 173 -9.74 17.65 -7.15
CA ALA A 173 -10.72 17.66 -6.06
C ALA A 173 -11.82 16.62 -6.30
N MET A 174 -12.22 16.40 -7.55
CA MET A 174 -13.25 15.41 -7.84
C MET A 174 -12.73 14.00 -7.62
N ALA A 175 -11.47 13.73 -7.99
CA ALA A 175 -10.89 12.43 -7.75
C ALA A 175 -10.70 12.17 -6.26
N GLY A 176 -10.41 13.21 -5.48
CA GLY A 176 -10.33 13.04 -4.04
C GLY A 176 -11.67 12.69 -3.42
N ALA A 177 -12.75 13.25 -3.96
CA ALA A 177 -14.08 12.91 -3.47
C ALA A 177 -14.42 11.46 -3.77
N MET A 178 -13.93 10.94 -4.91
CA MET A 178 -14.11 9.51 -5.20
C MET A 178 -13.34 8.65 -4.21
N LEU A 179 -12.14 9.09 -3.84
CA LEU A 179 -11.34 8.36 -2.85
C LEU A 179 -12.09 8.26 -1.53
N ILE A 180 -12.63 9.37 -1.04
CA ILE A 180 -13.40 9.37 0.20
C ILE A 180 -14.65 8.52 0.05
N GLY A 181 -15.31 8.59 -1.10
CA GLY A 181 -16.52 7.80 -1.31
C GLY A 181 -16.25 6.31 -1.30
N LEU A 182 -15.13 5.89 -1.90
CA LEU A 182 -14.76 4.47 -1.88
C LEU A 182 -14.40 4.01 -0.47
N HIS A 183 -13.76 4.90 0.30
CA HIS A 183 -13.35 4.55 1.66
C HIS A 183 -14.56 4.26 2.55
N HIS A 184 -15.57 5.12 2.49
CA HIS A 184 -16.76 5.01 3.32
C HIS A 184 -17.89 4.22 2.68
N ARG A 185 -17.68 3.66 1.49
CA ARG A 185 -18.72 2.93 0.75
C ARG A 185 -19.98 3.80 0.58
N ILE A 186 -19.78 5.06 0.23
CA ILE A 186 -20.86 6.01 0.04
C ILE A 186 -20.97 6.36 -1.44
N CYS A 187 -22.20 6.38 -1.94
CA CYS A 187 -22.51 6.89 -3.27
C CYS A 187 -23.14 8.27 -3.12
N TYR A 188 -22.52 9.27 -3.76
CA TYR A 188 -23.03 10.63 -3.68
C TYR A 188 -24.38 10.74 -4.38
N THR A 189 -25.23 11.63 -3.86
CA THR A 189 -26.61 11.72 -4.36
C THR A 189 -26.64 12.08 -5.84
N THR A 190 -25.94 13.15 -6.21
CA THR A 190 -25.88 13.61 -7.59
C THR A 190 -24.57 14.34 -7.79
N SER A 191 -24.24 14.61 -9.06
CA SER A 191 -22.95 15.22 -9.37
C SER A 191 -22.80 16.60 -8.74
N ALA A 192 -23.91 17.34 -8.57
CA ALA A 192 -23.82 18.69 -8.05
C ALA A 192 -23.48 18.75 -6.57
N SER A 193 -23.64 17.65 -5.84
CA SER A 193 -23.37 17.63 -4.40
C SER A 193 -22.19 16.74 -4.03
N VAL A 194 -21.39 16.31 -5.01
CA VAL A 194 -20.29 15.41 -4.74
C VAL A 194 -19.29 16.06 -3.79
N LEU A 195 -18.84 17.27 -4.10
CA LEU A 195 -17.86 17.93 -3.25
C LEU A 195 -18.46 18.31 -1.90
N THR A 196 -19.71 18.77 -1.89
CA THR A 196 -20.35 19.18 -0.64
C THR A 196 -20.48 18.01 0.33
N GLU A 197 -20.81 16.82 -0.18
CA GLU A 197 -20.94 15.66 0.70
C GLU A 197 -19.58 15.07 1.08
N ALA A 198 -18.58 15.23 0.21
CA ALA A 198 -17.27 14.63 0.48
C ALA A 198 -16.57 15.29 1.68
N VAL A 199 -16.59 16.62 1.75
CA VAL A 199 -15.91 17.32 2.83
C VAL A 199 -16.58 17.15 4.18
N LYS A 200 -17.82 16.67 4.22
CA LYS A 200 -18.53 16.44 5.47
C LYS A 200 -18.23 15.08 6.08
N GLN A 201 -17.45 14.24 5.40
CA GLN A 201 -17.14 12.90 5.87
C GLN A 201 -15.99 12.92 6.88
N SER A 202 -15.85 11.79 7.58
CA SER A 202 -14.75 11.56 8.49
C SER A 202 -13.57 10.93 7.73
N ASP A 203 -12.41 10.95 8.38
CA ASP A 203 -11.19 10.33 7.85
C ASP A 203 -10.77 10.98 6.53
N LEU A 204 -10.88 12.30 6.47
CA LEU A 204 -10.45 12.99 5.25
C LEU A 204 -8.93 13.02 5.19
N PRO A 205 -8.35 12.90 4.00
CA PRO A 205 -6.91 13.13 3.87
C PRO A 205 -6.56 14.56 4.24
N SER A 206 -5.38 14.74 4.83
CA SER A 206 -4.98 16.07 5.26
C SER A 206 -4.84 16.97 4.04
N GLY A 207 -5.40 18.18 4.15
CA GLY A 207 -5.32 19.15 3.09
C GLY A 207 -6.45 19.10 2.08
N TYR A 208 -7.34 18.10 2.15
CA TYR A 208 -8.42 18.00 1.17
C TYR A 208 -9.45 19.09 1.36
N ASP A 209 -9.80 19.40 2.61
CA ASP A 209 -10.82 20.42 2.87
C ASP A 209 -10.35 21.79 2.37
N HIS A 210 -9.05 22.09 2.52
N HIS A 210 -9.05 22.09 2.52
CA HIS A 210 -8.53 23.36 2.01
CA HIS A 210 -8.52 23.34 2.02
C HIS A 210 -8.56 23.40 0.49
C HIS A 210 -8.57 23.40 0.50
N LEU A 211 -8.24 22.28 -0.16
CA LEU A 211 -8.28 22.24 -1.62
C LEU A 211 -9.71 22.38 -2.13
N CYS A 212 -10.67 21.78 -1.44
CA CYS A 212 -12.06 21.90 -1.84
C CYS A 212 -12.57 23.32 -1.72
N GLN A 213 -12.04 24.10 -0.78
CA GLN A 213 -12.52 25.46 -0.59
C GLN A 213 -12.29 26.31 -1.84
N PHE A 214 -11.14 26.14 -2.50
CA PHE A 214 -10.88 26.84 -3.74
C PHE A 214 -11.88 26.47 -4.83
N VAL A 215 -12.18 25.18 -4.97
CA VAL A 215 -13.02 24.72 -6.08
C VAL A 215 -14.48 25.09 -5.85
N MET A 216 -14.95 24.97 -4.61
CA MET A 216 -16.34 25.30 -4.32
C MET A 216 -16.59 26.79 -4.38
N SER A 217 -15.59 27.61 -4.04
CA SER A 217 -15.74 29.05 -4.10
C SER A 217 -15.40 29.64 -5.46
N GLY A 218 -14.69 28.90 -6.31
CA GLY A 218 -14.30 29.41 -7.61
C GLY A 218 -13.08 30.29 -7.61
N GLN A 219 -12.29 30.29 -6.53
CA GLN A 219 -11.06 31.10 -6.45
C GLN A 219 -9.87 30.24 -6.90
N LEU A 220 -9.71 30.13 -8.22
CA LEU A 220 -8.64 29.33 -8.81
C LEU A 220 -7.68 30.20 -9.63
N SER A 221 -7.53 31.47 -9.26
CA SER A 221 -6.67 32.37 -10.00
C SER A 221 -5.28 32.53 -9.41
N ASP A 222 -5.10 32.22 -8.14
CA ASP A 222 -3.78 32.30 -7.50
C ASP A 222 -3.08 30.97 -7.70
N SER A 223 -2.25 30.89 -8.74
CA SER A 223 -1.61 29.62 -9.09
C SER A 223 -0.70 29.13 -7.97
N GLU A 224 0.01 30.05 -7.29
CA GLU A 224 0.95 29.63 -6.27
C GLU A 224 0.24 29.11 -5.03
N LYS A 225 -0.93 29.66 -4.69
CA LYS A 225 -1.73 29.08 -3.61
C LYS A 225 -2.23 27.69 -3.99
N LEU A 226 -2.67 27.52 -5.24
CA LEU A 226 -3.20 26.24 -5.67
C LEU A 226 -2.11 25.16 -5.69
N LEU A 227 -0.92 25.51 -6.19
CA LEU A 227 0.15 24.52 -6.27
C LEU A 227 0.62 24.09 -4.89
N GLU A 228 0.70 25.02 -3.94
CA GLU A 228 1.03 24.65 -2.57
C GLU A 228 -0.11 23.86 -1.92
N SER A 229 -1.36 24.21 -2.25
CA SER A 229 -2.50 23.49 -1.71
C SER A 229 -2.58 22.08 -2.28
N LEU A 230 -2.23 21.91 -3.56
CA LEU A 230 -2.21 20.58 -4.16
C LEU A 230 -1.12 19.72 -3.54
N GLU A 231 0.07 20.30 -3.32
CA GLU A 231 1.18 19.54 -2.77
C GLU A 231 0.89 19.09 -1.34
N ASN A 232 0.17 19.89 -0.56
CA ASN A 232 -0.19 19.49 0.79
C ASN A 232 -1.18 18.33 0.76
N PHE A 233 -2.15 18.37 -0.17
CA PHE A 233 -3.11 17.28 -0.29
C PHE A 233 -2.45 16.00 -0.76
N TRP A 234 -1.43 16.11 -1.62
CA TRP A 234 -0.70 14.93 -2.05
C TRP A 234 0.09 14.32 -0.90
N ASN A 235 0.68 15.16 -0.05
CA ASN A 235 1.34 14.66 1.15
C ASN A 235 0.31 14.03 2.09
N GLY A 236 -0.87 14.64 2.20
CA GLY A 236 -1.93 14.07 3.00
C GLY A 236 -2.44 12.73 2.49
N ILE A 237 -2.27 12.46 1.19
CA ILE A 237 -2.65 11.16 0.65
C ILE A 237 -1.71 10.08 1.15
N GLN A 238 -0.40 10.39 1.20
CA GLN A 238 0.58 9.40 1.63
C GLN A 238 0.34 9.00 3.09
N GLU A 239 0.06 9.96 3.95
CA GLU A 239 -0.25 9.63 5.35
C GLU A 239 -1.58 8.91 5.45
N TRP A 240 -2.54 9.27 4.59
CA TRP A 240 -3.87 8.68 4.64
C TRP A 240 -3.84 7.21 4.25
N THR A 241 -3.10 6.87 3.19
CA THR A 241 -3.07 5.48 2.74
C THR A 241 -2.36 4.58 3.75
N GLU A 242 -1.28 5.07 4.36
CA GLU A 242 -0.63 4.31 5.42
C GLU A 242 -1.55 4.15 6.63
N ARG A 243 -2.27 5.21 6.98
CA ARG A 243 -3.16 5.16 8.14
C ARG A 243 -4.27 4.13 7.95
N HIS A 244 -4.72 3.93 6.71
CA HIS A 244 -5.87 3.09 6.44
C HIS A 244 -5.50 1.76 5.80
N GLY A 245 -4.21 1.46 5.65
CA GLY A 245 -3.76 0.18 5.14
C GLY A 245 -3.71 0.04 3.63
N TYR A 246 -4.20 1.03 2.88
CA TYR A 246 -4.18 0.97 1.42
C TYR A 246 -2.75 1.04 0.87
N ILE A 247 -2.10 -0.11 0.73
CA ILE A 247 -0.71 -0.16 0.27
C ILE A 247 -0.70 -0.38 -1.24
N VAL A 248 -0.13 0.58 -1.97
CA VAL A 248 0.09 0.43 -3.41
C VAL A 248 1.45 -0.21 -3.62
N ASP A 249 1.48 -1.33 -4.33
CA ASP A 249 2.72 -2.07 -4.53
C ASP A 249 3.65 -1.29 -5.45
N VAL A 250 4.85 -0.99 -4.95
CA VAL A 250 5.86 -0.26 -5.69
C VAL A 250 7.17 -1.04 -5.81
N SER A 251 7.16 -2.31 -5.40
CA SER A 251 8.41 -3.07 -5.28
C SER A 251 8.98 -3.45 -6.64
N LYS A 252 8.11 -3.76 -7.60
CA LYS A 252 8.57 -4.27 -8.89
C LYS A 252 8.72 -3.15 -9.91
N ARG A 253 9.77 -3.23 -10.73
CA ARG A 253 10.01 -2.23 -11.76
C ARG A 253 9.21 -2.52 -13.02
N ILE A 254 9.01 -3.80 -13.35
CA ILE A 254 8.13 -4.20 -14.45
C ILE A 254 7.26 -5.35 -13.95
N PRO A 255 5.98 -5.11 -13.68
CA PRO A 255 5.18 -6.13 -12.97
C PRO A 255 4.49 -7.13 -13.90
N PHE A 256 5.11 -7.44 -15.03
CA PHE A 256 4.61 -8.51 -15.89
C PHE A 256 5.77 -9.21 -16.60
N ASN B 5 5.65 11.86 30.59
CA ASN B 5 7.00 11.30 30.52
C ASN B 5 7.01 9.83 30.94
N GLY B 6 7.34 8.95 30.00
CA GLY B 6 7.35 7.53 30.26
C GLY B 6 5.96 6.99 30.55
N PRO B 7 5.85 5.67 30.72
CA PRO B 7 4.56 5.09 31.09
C PRO B 7 4.15 5.52 32.49
N ILE B 8 2.87 5.87 32.63
CA ILE B 8 2.32 6.29 33.90
C ILE B 8 1.62 5.10 34.55
N ILE B 9 1.35 5.24 35.85
CA ILE B 9 0.59 4.22 36.58
C ILE B 9 -0.86 4.28 36.14
N MET B 10 -1.43 3.13 35.80
CA MET B 10 -2.84 3.05 35.45
C MET B 10 -3.45 1.84 36.13
N THR B 11 -4.77 1.89 36.31
CA THR B 11 -5.52 0.78 36.87
C THR B 11 -6.05 -0.10 35.74
N ARG B 12 -6.51 -1.30 36.13
CA ARG B 12 -7.09 -2.19 35.14
C ARG B 12 -8.37 -1.61 34.55
N GLU B 13 -9.12 -0.84 35.35
CA GLU B 13 -10.34 -0.24 34.84
C GLU B 13 -10.03 0.87 33.83
N GLU B 14 -8.96 1.62 34.06
CA GLU B 14 -8.58 2.68 33.11
C GLU B 14 -8.10 2.09 31.79
N ARG B 15 -7.41 0.95 31.85
CA ARG B 15 -6.96 0.31 30.62
C ARG B 15 -8.15 -0.25 29.84
N MET B 16 -9.13 -0.82 30.53
CA MET B 16 -10.33 -1.30 29.87
C MET B 16 -11.15 -0.15 29.30
N LYS B 17 -11.04 1.03 29.92
CA LYS B 17 -11.68 2.23 29.37
C LYS B 17 -11.11 2.55 27.99
N ILE B 18 -9.79 2.46 27.85
CA ILE B 18 -9.15 2.71 26.57
C ILE B 18 -9.51 1.63 25.56
N VAL B 19 -9.62 0.37 26.01
CA VAL B 19 -9.89 -0.74 25.11
C VAL B 19 -11.24 -0.55 24.42
N HIS B 20 -12.26 -0.17 25.18
CA HIS B 20 -13.59 -0.06 24.60
C HIS B 20 -13.74 1.17 23.72
N GLU B 21 -12.92 2.20 23.94
CA GLU B 21 -12.87 3.31 22.99
C GLU B 21 -12.29 2.83 21.66
N ILE B 22 -11.27 1.97 21.71
CA ILE B 22 -10.66 1.46 20.49
C ILE B 22 -11.60 0.50 19.79
N LYS B 23 -12.35 -0.31 20.57
CA LYS B 23 -13.35 -1.19 19.97
C LYS B 23 -14.40 -0.40 19.22
N GLU B 24 -14.85 0.71 19.80
CA GLU B 24 -15.90 1.50 19.17
C GLU B 24 -15.41 2.15 17.88
N ARG B 25 -14.13 2.54 17.82
CA ARG B 25 -13.58 3.12 16.60
C ARG B 25 -13.34 2.06 15.53
N ILE B 26 -12.98 0.84 15.93
CA ILE B 26 -12.77 -0.23 14.96
C ILE B 26 -14.09 -0.63 14.31
N LEU B 27 -15.16 -0.67 15.11
CA LEU B 27 -16.47 -1.05 14.56
C LEU B 27 -17.03 0.05 13.67
N ASP B 28 -16.79 1.31 13.99
CA ASP B 28 -17.25 2.40 13.14
C ASP B 28 -16.47 2.44 11.83
N LYS B 29 -15.17 2.14 11.89
CA LYS B 29 -14.31 2.29 10.71
C LYS B 29 -14.48 1.16 9.71
N TYR B 30 -14.66 -0.07 10.20
CA TYR B 30 -14.72 -1.22 9.33
C TYR B 30 -16.09 -1.91 9.31
N GLY B 31 -16.99 -1.54 10.22
CA GLY B 31 -18.35 -2.07 10.15
C GLY B 31 -18.36 -3.57 10.33
N ASP B 32 -19.07 -4.26 9.43
CA ASP B 32 -19.18 -5.70 9.46
C ASP B 32 -18.04 -6.40 8.74
N ASP B 33 -16.96 -5.68 8.43
CA ASP B 33 -15.72 -6.31 7.99
C ASP B 33 -14.91 -6.87 9.15
N VAL B 34 -15.23 -6.48 10.38
CA VAL B 34 -14.55 -7.00 11.57
C VAL B 34 -15.20 -8.32 11.97
N LYS B 35 -14.38 -9.37 12.04
CA LYS B 35 -14.87 -10.65 12.52
C LYS B 35 -14.79 -10.78 14.03
N ALA B 36 -13.70 -10.30 14.63
CA ALA B 36 -13.52 -10.41 16.07
C ALA B 36 -12.51 -9.38 16.54
N ILE B 37 -12.65 -8.99 17.81
CA ILE B 37 -11.71 -8.11 18.50
C ILE B 37 -11.40 -8.73 19.85
N GLY B 38 -10.11 -8.84 20.18
CA GLY B 38 -9.72 -9.45 21.43
C GLY B 38 -8.53 -8.74 22.05
N VAL B 39 -8.38 -8.93 23.36
CA VAL B 39 -7.28 -8.39 24.13
C VAL B 39 -6.38 -9.54 24.56
N TYR B 40 -5.07 -9.38 24.36
CA TYR B 40 -4.13 -10.37 24.86
C TYR B 40 -3.05 -9.70 25.70
N GLY B 41 -2.02 -10.44 26.08
CA GLY B 41 -1.05 -9.92 27.01
C GLY B 41 -1.54 -10.00 28.44
N SER B 42 -0.97 -9.14 29.29
CA SER B 42 -1.31 -9.19 30.72
C SER B 42 -2.72 -8.67 30.98
N LEU B 43 -3.18 -7.69 30.20
CA LEU B 43 -4.53 -7.19 30.39
C LEU B 43 -5.57 -8.24 30.04
N GLY B 44 -5.33 -9.02 28.98
CA GLY B 44 -6.22 -10.11 28.65
C GLY B 44 -6.23 -11.24 29.67
N ARG B 45 -5.18 -11.36 30.45
CA ARG B 45 -5.10 -12.34 31.54
C ARG B 45 -5.56 -11.77 32.88
N GLN B 46 -5.91 -10.48 32.94
CA GLN B 46 -6.25 -9.81 34.19
C GLN B 46 -5.12 -9.89 35.20
N THR B 47 -3.88 -9.76 34.72
CA THR B 47 -2.70 -9.68 35.57
C THR B 47 -1.86 -8.45 35.26
N ASP B 48 -2.45 -7.42 34.67
CA ASP B 48 -1.70 -6.23 34.30
C ASP B 48 -1.22 -5.49 35.54
N GLY B 49 0.02 -5.00 35.47
CA GLY B 49 0.61 -4.26 36.56
C GLY B 49 0.40 -2.77 36.42
N PRO B 50 0.98 -1.99 37.35
CA PRO B 50 0.79 -0.53 37.29
C PRO B 50 1.30 0.10 36.01
N TYR B 51 2.40 -0.40 35.44
CA TYR B 51 3.03 0.22 34.28
C TYR B 51 2.81 -0.57 32.98
N SER B 52 1.87 -1.50 32.98
CA SER B 52 1.65 -2.33 31.80
C SER B 52 0.99 -1.53 30.68
N ASP B 53 1.22 -1.97 29.45
CA ASP B 53 0.64 -1.37 28.26
C ASP B 53 -0.57 -2.20 27.81
N ILE B 54 -1.01 -2.00 26.56
CA ILE B 54 -2.21 -2.63 26.05
C ILE B 54 -1.91 -3.24 24.68
N GLU B 55 -2.34 -4.49 24.49
CA GLU B 55 -2.20 -5.18 23.21
C GLU B 55 -3.56 -5.76 22.82
N MET B 56 -3.98 -5.50 21.59
CA MET B 56 -5.25 -5.99 21.07
C MET B 56 -5.03 -6.66 19.71
N MET B 57 -5.92 -7.61 19.39
CA MET B 57 -5.91 -8.28 18.10
C MET B 57 -7.29 -8.18 17.48
N CYS B 58 -7.34 -8.04 16.16
N CYS B 58 -7.33 -8.03 16.16
CA CYS B 58 -8.59 -7.90 15.43
CA CYS B 58 -8.57 -7.90 15.41
C CYS B 58 -8.58 -8.84 14.23
C CYS B 58 -8.55 -8.88 14.25
N VAL B 59 -9.67 -9.58 14.06
CA VAL B 59 -9.82 -10.52 12.95
C VAL B 59 -10.71 -9.87 11.90
N MET B 60 -10.20 -9.78 10.68
CA MET B 60 -10.91 -9.16 9.58
C MET B 60 -11.46 -10.21 8.62
N SER B 61 -12.54 -9.86 7.93
CA SER B 61 -13.04 -10.73 6.86
C SER B 61 -12.36 -10.45 5.54
N THR B 62 -11.87 -9.22 5.33
CA THR B 62 -11.09 -8.89 4.14
C THR B 62 -9.84 -9.76 4.05
N GLU B 63 -9.78 -10.60 3.02
CA GLU B 63 -8.62 -11.46 2.84
C GLU B 63 -7.41 -10.61 2.47
N GLU B 64 -6.22 -11.13 2.78
CA GLU B 64 -4.93 -10.49 2.54
C GLU B 64 -4.71 -9.27 3.46
N ALA B 65 -5.52 -9.11 4.49
CA ALA B 65 -5.34 -7.99 5.42
C ALA B 65 -4.27 -8.35 6.45
N GLU B 66 -3.27 -7.47 6.60
CA GLU B 66 -2.21 -7.68 7.59
C GLU B 66 -1.56 -6.33 7.86
N PHE B 67 -1.94 -5.70 8.97
CA PHE B 67 -1.31 -4.44 9.38
C PHE B 67 -1.46 -4.28 10.88
N SER B 68 -0.80 -3.25 11.41
CA SER B 68 -0.76 -3.02 12.85
C SER B 68 -0.61 -1.53 13.11
N HIS B 69 -1.24 -1.07 14.18
CA HIS B 69 -1.12 0.30 14.65
C HIS B 69 -0.58 0.27 16.08
N GLU B 70 0.56 0.91 16.30
CA GLU B 70 1.24 0.90 17.58
C GLU B 70 1.71 2.31 17.86
N TRP B 71 1.27 2.88 18.98
CA TRP B 71 1.49 4.31 19.23
C TRP B 71 1.51 4.57 20.72
N THR B 72 1.89 5.80 21.08
CA THR B 72 1.88 6.26 22.45
C THR B 72 1.26 7.65 22.53
N THR B 73 0.65 7.94 23.68
CA THR B 73 0.15 9.27 23.98
C THR B 73 1.10 10.06 24.87
N GLY B 74 2.31 9.56 25.08
CA GLY B 74 3.22 10.10 26.05
C GLY B 74 3.05 9.55 27.45
N GLU B 75 1.87 9.05 27.78
CA GLU B 75 1.58 8.46 29.08
C GLU B 75 1.35 6.96 29.03
N TRP B 76 0.79 6.44 27.95
CA TRP B 76 0.53 5.02 27.80
C TRP B 76 0.67 4.63 26.33
N LYS B 77 0.71 3.32 26.10
CA LYS B 77 1.02 2.75 24.80
C LYS B 77 0.04 1.64 24.46
N VAL B 78 -0.34 1.57 23.18
CA VAL B 78 -1.28 0.57 22.69
C VAL B 78 -0.72 -0.03 21.40
N GLU B 79 -0.99 -1.33 21.22
CA GLU B 79 -0.68 -2.02 19.97
C GLU B 79 -1.90 -2.84 19.56
N VAL B 80 -2.38 -2.61 18.34
CA VAL B 80 -3.54 -3.31 17.80
C VAL B 80 -3.13 -3.99 16.50
N ASN B 81 -3.32 -5.30 16.44
CA ASN B 81 -2.97 -6.08 15.26
C ASN B 81 -4.23 -6.38 14.45
N PHE B 82 -4.12 -6.26 13.13
CA PHE B 82 -5.21 -6.53 12.21
C PHE B 82 -4.75 -7.63 11.25
N ASP B 83 -5.45 -8.75 11.25
CA ASP B 83 -5.10 -9.88 10.41
C ASP B 83 -6.38 -10.48 9.85
N SER B 84 -6.29 -11.01 8.63
CA SER B 84 -7.36 -11.83 8.11
C SER B 84 -7.41 -13.15 8.88
N GLU B 85 -8.57 -13.81 8.80
CA GLU B 85 -8.73 -15.07 9.51
C GLU B 85 -7.70 -16.11 9.04
N GLU B 86 -7.38 -16.08 7.75
CA GLU B 86 -6.44 -17.07 7.21
C GLU B 86 -5.01 -16.78 7.67
N ILE B 87 -4.62 -15.51 7.68
CA ILE B 87 -3.27 -15.15 8.11
C ILE B 87 -3.07 -15.46 9.60
N LEU B 88 -4.06 -15.12 10.43
CA LEU B 88 -3.94 -15.36 11.86
C LEU B 88 -3.99 -16.86 12.16
N LEU B 89 -4.89 -17.58 11.51
CA LEU B 89 -4.93 -19.03 11.70
C LEU B 89 -3.67 -19.68 11.18
N ASP B 90 -3.11 -19.16 10.09
CA ASP B 90 -1.83 -19.66 9.61
C ASP B 90 -0.76 -19.45 10.66
N TYR B 91 -0.59 -18.20 11.12
CA TYR B 91 0.50 -17.87 12.04
C TYR B 91 0.40 -18.63 13.35
N ALA B 92 -0.81 -18.91 13.83
CA ALA B 92 -0.96 -19.63 15.07
C ALA B 92 -0.53 -21.09 14.98
N SER B 93 -0.29 -21.62 13.77
CA SER B 93 0.02 -23.03 13.61
C SER B 93 1.46 -23.31 13.14
N GLN B 94 2.32 -22.30 13.03
CA GLN B 94 3.73 -22.53 12.72
C GLN B 94 4.52 -22.46 14.01
N VAL B 95 5.51 -23.34 14.15
CA VAL B 95 6.32 -23.42 15.34
C VAL B 95 7.71 -22.90 14.99
N GLU B 96 8.07 -21.74 15.53
CA GLU B 96 9.39 -21.16 15.34
C GLU B 96 10.27 -21.47 16.55
N SER B 97 11.50 -20.96 16.51
CA SER B 97 12.42 -21.17 17.62
C SER B 97 11.95 -20.47 18.90
N ASP B 98 11.26 -19.34 18.77
CA ASP B 98 10.75 -18.59 19.90
C ASP B 98 9.26 -18.82 20.14
N TRP B 99 8.74 -19.94 19.65
CA TRP B 99 7.33 -20.28 19.90
C TRP B 99 6.93 -20.23 21.37
N PRO B 100 7.70 -20.75 22.32
CA PRO B 100 7.30 -20.62 23.73
C PRO B 100 7.16 -19.18 24.21
N LEU B 101 7.79 -18.22 23.53
CA LEU B 101 7.74 -16.82 23.94
C LEU B 101 6.58 -16.06 23.30
N THR B 102 6.19 -16.41 22.07
CA THR B 102 5.24 -15.61 21.31
C THR B 102 3.81 -16.14 21.37
N HIS B 103 3.61 -17.44 21.24
CA HIS B 103 2.28 -17.98 20.96
C HIS B 103 1.42 -18.16 22.20
N GLY B 104 1.91 -17.79 23.38
CA GLY B 104 1.05 -17.76 24.55
C GLY B 104 -0.08 -16.76 24.44
N GLN B 105 0.03 -15.82 23.49
CA GLN B 105 -1.02 -14.83 23.28
C GLN B 105 -2.35 -15.44 22.86
N PHE B 106 -2.33 -16.67 22.34
CA PHE B 106 -3.56 -17.30 21.85
C PHE B 106 -4.26 -18.12 22.92
N PHE B 107 -3.67 -18.27 24.11
CA PHE B 107 -4.20 -19.15 25.14
C PHE B 107 -4.96 -18.40 26.23
N SER B 108 -5.01 -17.07 26.18
CA SER B 108 -5.70 -16.30 27.20
C SER B 108 -6.30 -15.04 26.58
N ILE B 109 -6.95 -15.18 25.43
CA ILE B 109 -7.55 -14.04 24.74
C ILE B 109 -8.83 -13.64 25.46
N LEU B 110 -8.97 -12.35 25.78
CA LEU B 110 -10.19 -11.84 26.39
C LEU B 110 -11.09 -11.32 25.29
N PRO B 111 -12.23 -11.95 25.01
CA PRO B 111 -13.08 -11.50 23.91
C PRO B 111 -13.72 -10.15 24.19
N ILE B 112 -13.76 -9.31 23.15
CA ILE B 112 -14.33 -7.97 23.24
C ILE B 112 -15.42 -7.85 22.17
N TYR B 113 -15.20 -8.51 21.04
CA TYR B 113 -16.16 -8.56 19.95
C TYR B 113 -15.89 -9.84 19.17
N ASP B 114 -16.95 -10.55 18.81
CA ASP B 114 -16.80 -11.81 18.10
C ASP B 114 -18.12 -12.15 17.42
N SER B 115 -18.14 -12.10 16.09
CA SER B 115 -19.38 -12.35 15.37
C SER B 115 -19.68 -13.83 15.22
N GLY B 116 -18.64 -14.66 15.08
CA GLY B 116 -18.85 -16.08 14.84
C GLY B 116 -17.89 -17.03 15.53
N GLY B 117 -17.54 -16.74 16.78
CA GLY B 117 -16.67 -17.64 17.53
C GLY B 117 -15.27 -17.77 16.98
N TYR B 118 -14.75 -16.73 16.33
CA TYR B 118 -13.45 -16.82 15.69
C TYR B 118 -12.31 -16.92 16.70
N LEU B 119 -12.44 -16.22 17.83
CA LEU B 119 -11.38 -16.25 18.84
C LEU B 119 -11.19 -17.65 19.39
N GLU B 120 -12.27 -18.44 19.47
CA GLU B 120 -12.13 -19.83 19.93
C GLU B 120 -11.44 -20.69 18.89
N LYS B 121 -11.69 -20.43 17.61
CA LYS B 121 -11.06 -21.21 16.55
C LYS B 121 -9.56 -20.97 16.51
N VAL B 122 -9.12 -19.72 16.73
CA VAL B 122 -7.69 -19.44 16.81
C VAL B 122 -7.09 -20.16 18.01
N TYR B 123 -7.79 -20.14 19.14
CA TYR B 123 -7.31 -20.84 20.33
C TYR B 123 -7.19 -22.34 20.07
N GLN B 124 -8.20 -22.92 19.42
CA GLN B 124 -8.16 -24.35 19.12
C GLN B 124 -7.07 -24.68 18.10
N THR B 125 -6.76 -23.74 17.20
CA THR B 125 -5.72 -23.98 16.20
C THR B 125 -4.33 -23.99 16.83
N ALA B 126 -4.02 -22.96 17.61
CA ALA B 126 -2.71 -22.86 18.24
C ALA B 126 -2.47 -23.98 19.25
N LYS B 127 -3.53 -24.60 19.75
CA LYS B 127 -3.45 -25.61 20.80
C LYS B 127 -3.45 -27.04 20.25
N SER B 128 -3.60 -27.20 18.92
CA SER B 128 -3.69 -28.50 18.29
C SER B 128 -2.55 -28.76 17.30
N VAL B 129 -1.39 -28.11 17.52
CA VAL B 129 -0.27 -28.28 16.59
C VAL B 129 0.35 -29.65 16.77
N GLU B 130 0.63 -30.32 15.66
CA GLU B 130 1.13 -31.68 15.69
C GLU B 130 2.56 -31.74 16.21
N ALA B 131 2.92 -32.90 16.77
CA ALA B 131 4.20 -33.05 17.45
C ALA B 131 5.39 -32.85 16.53
N GLN B 132 5.26 -33.25 15.25
CA GLN B 132 6.40 -33.19 14.35
C GLN B 132 6.95 -31.77 14.20
N LYS B 133 6.07 -30.77 14.29
CA LYS B 133 6.51 -29.39 14.13
C LYS B 133 7.39 -28.93 15.29
N PHE B 134 7.09 -29.40 16.50
CA PHE B 134 7.95 -29.08 17.64
C PHE B 134 9.28 -29.82 17.55
N HIS B 135 9.25 -31.06 17.04
CA HIS B 135 10.48 -31.80 16.83
C HIS B 135 11.39 -31.10 15.82
N ASP B 136 10.82 -30.61 14.72
CA ASP B 136 11.61 -29.92 13.71
C ASP B 136 12.13 -28.58 14.22
N ALA B 137 11.33 -27.88 15.04
CA ALA B 137 11.76 -26.60 15.57
C ALA B 137 12.91 -26.76 16.56
N ILE B 138 12.92 -27.85 17.33
CA ILE B 138 14.01 -28.10 18.26
C ILE B 138 15.31 -28.33 17.53
N CYS B 139 15.29 -29.15 16.47
CA CYS B 139 16.49 -29.38 15.69
C CYS B 139 17.00 -28.11 15.04
N ALA B 140 16.09 -27.24 14.60
CA ALA B 140 16.49 -25.97 14.00
C ALA B 140 17.09 -25.03 15.04
N LEU B 141 16.54 -25.02 16.26
CA LEU B 141 17.06 -24.14 17.30
C LEU B 141 18.49 -24.52 17.67
N ILE B 142 18.79 -25.81 17.72
CA ILE B 142 20.12 -26.27 18.10
C ILE B 142 21.15 -25.81 17.06
N VAL B 143 20.81 -25.91 15.78
CA VAL B 143 21.75 -25.55 14.73
C VAL B 143 21.85 -24.03 14.59
N GLU B 144 20.70 -23.37 14.47
CA GLU B 144 20.71 -21.94 14.14
C GLU B 144 21.06 -21.07 15.33
N GLU B 145 20.82 -21.52 16.57
CA GLU B 145 21.05 -20.69 17.74
C GLU B 145 22.13 -21.25 18.65
N LEU B 146 21.96 -22.47 19.18
CA LEU B 146 22.88 -22.98 20.20
C LEU B 146 24.26 -23.26 19.62
N PHE B 147 24.32 -23.99 18.49
CA PHE B 147 25.60 -24.24 17.84
C PHE B 147 26.29 -22.94 17.47
N GLU B 148 25.52 -21.92 17.10
CA GLU B 148 26.07 -20.61 16.78
C GLU B 148 26.71 -19.96 18.01
N TYR B 149 25.99 -19.98 19.14
CA TYR B 149 26.51 -19.38 20.36
C TYR B 149 27.77 -20.10 20.86
N ALA B 150 27.79 -21.44 20.73
CA ALA B 150 28.94 -22.21 21.21
C ALA B 150 30.22 -21.78 20.51
N GLY B 151 30.16 -21.55 19.20
CA GLY B 151 31.33 -21.05 18.49
C GLY B 151 31.72 -19.66 18.92
N LYS B 152 30.76 -18.85 19.34
CA LYS B 152 31.06 -17.46 19.70
C LYS B 152 31.74 -17.36 21.06
N TRP B 153 31.30 -18.14 22.05
CA TRP B 153 31.98 -18.07 23.35
C TRP B 153 33.30 -18.83 23.33
N ARG B 154 33.42 -19.86 22.47
CA ARG B 154 34.70 -20.51 22.29
C ARG B 154 35.72 -19.60 21.61
N ASN B 155 35.25 -18.73 20.72
CA ASN B 155 36.12 -17.70 20.16
C ASN B 155 36.53 -16.69 21.23
N ILE B 156 35.59 -16.25 22.05
CA ILE B 156 35.86 -15.24 23.07
C ILE B 156 36.94 -15.73 24.04
N ARG B 157 36.91 -17.03 24.38
CA ARG B 157 37.88 -17.58 25.31
C ARG B 157 39.31 -17.51 24.76
N VAL B 158 39.47 -17.59 23.44
CA VAL B 158 40.80 -17.60 22.84
C VAL B 158 41.21 -16.25 22.28
N GLN B 159 40.25 -15.36 21.97
CA GLN B 159 40.60 -14.07 21.38
C GLN B 159 39.72 -12.93 21.87
N GLY B 160 38.85 -13.13 22.84
CA GLY B 160 37.97 -12.10 23.32
C GLY B 160 36.88 -11.78 22.30
N PRO B 161 36.08 -10.74 22.58
CA PRO B 161 36.12 -9.88 23.75
C PRO B 161 35.25 -10.39 24.91
N THR B 162 35.76 -10.34 26.13
CA THR B 162 34.98 -10.74 27.29
C THR B 162 33.86 -9.77 27.62
N THR B 163 33.87 -8.57 27.05
CA THR B 163 32.79 -7.61 27.27
C THR B 163 31.48 -8.02 26.60
N PHE B 164 31.50 -9.02 25.72
CA PHE B 164 30.29 -9.54 25.10
C PHE B 164 29.73 -10.75 25.84
N LEU B 165 30.56 -11.40 26.67
CA LEU B 165 30.14 -12.63 27.33
C LEU B 165 28.87 -12.48 28.17
N PRO B 166 28.66 -11.40 28.95
CA PRO B 166 27.37 -11.28 29.66
C PRO B 166 26.16 -11.23 28.75
N SER B 167 26.24 -10.50 27.63
CA SER B 167 25.12 -10.47 26.70
C SER B 167 24.91 -11.84 26.06
N LEU B 168 26.01 -12.51 25.67
CA LEU B 168 25.90 -13.82 25.05
C LEU B 168 25.30 -14.83 26.03
N THR B 169 25.71 -14.77 27.30
CA THR B 169 25.19 -15.71 28.30
C THR B 169 23.69 -15.53 28.50
N VAL B 170 23.21 -14.29 28.45
CA VAL B 170 21.77 -14.04 28.56
C VAL B 170 21.02 -14.69 27.40
N GLN B 171 21.58 -14.58 26.18
CA GLN B 171 20.92 -15.19 25.03
C GLN B 171 20.95 -16.71 25.09
N VAL B 172 22.05 -17.29 25.59
CA VAL B 172 22.14 -18.73 25.70
C VAL B 172 21.10 -19.26 26.68
N ALA B 173 20.94 -18.58 27.82
CA ALA B 173 19.92 -18.99 28.79
C ALA B 173 18.52 -18.84 28.20
N MET B 174 18.31 -17.81 27.38
CA MET B 174 17.00 -17.62 26.77
C MET B 174 16.73 -18.66 25.69
N ALA B 175 17.75 -19.02 24.90
CA ALA B 175 17.57 -20.04 23.88
C ALA B 175 17.35 -21.42 24.51
N GLY B 176 17.99 -21.69 25.65
CA GLY B 176 17.73 -22.93 26.35
C GLY B 176 16.32 -23.00 26.88
N ALA B 177 15.79 -21.87 27.35
CA ALA B 177 14.40 -21.84 27.80
C ALA B 177 13.43 -22.09 26.65
N MET B 178 13.77 -21.62 25.45
CA MET B 178 12.94 -21.93 24.28
C MET B 178 12.98 -23.42 23.96
N LEU B 179 14.17 -24.04 24.09
CA LEU B 179 14.30 -25.47 23.86
C LEU B 179 13.42 -26.26 24.82
N ILE B 180 13.48 -25.93 26.11
CA ILE B 180 12.65 -26.62 27.11
C ILE B 180 11.18 -26.38 26.82
N GLY B 181 10.82 -25.16 26.42
CA GLY B 181 9.43 -24.87 26.11
C GLY B 181 8.93 -25.66 24.92
N LEU B 182 9.77 -25.83 23.89
CA LEU B 182 9.38 -26.63 22.74
C LEU B 182 9.25 -28.10 23.10
N HIS B 183 10.12 -28.58 24.00
CA HIS B 183 10.07 -29.99 24.40
C HIS B 183 8.75 -30.31 25.10
N HIS B 184 8.35 -29.47 26.05
CA HIS B 184 7.13 -29.71 26.82
C HIS B 184 5.91 -29.05 26.20
N ARG B 185 6.05 -28.40 25.04
CA ARG B 185 4.97 -27.69 24.39
C ARG B 185 4.32 -26.68 25.33
N ILE B 186 5.17 -25.90 26.00
CA ILE B 186 4.74 -24.90 26.96
C ILE B 186 4.96 -23.52 26.38
N CYS B 187 3.97 -22.65 26.54
CA CYS B 187 4.10 -21.23 26.26
C CYS B 187 4.22 -20.50 27.60
N TYR B 188 5.33 -19.80 27.79
CA TYR B 188 5.55 -19.07 29.04
C TYR B 188 4.57 -17.92 29.15
N THR B 189 4.21 -17.60 30.40
CA THR B 189 3.17 -16.59 30.66
C THR B 189 3.57 -15.25 30.06
N THR B 190 4.78 -14.78 30.38
CA THR B 190 5.27 -13.51 29.89
C THR B 190 6.79 -13.57 29.81
N SER B 191 7.38 -12.60 29.13
CA SER B 191 8.82 -12.60 28.93
C SER B 191 9.57 -12.49 30.25
N ALA B 192 9.01 -11.78 31.23
CA ALA B 192 9.70 -11.56 32.49
C ALA B 192 9.81 -12.83 33.34
N SER B 193 9.01 -13.84 33.04
CA SER B 193 9.01 -15.08 33.82
C SER B 193 9.52 -16.27 33.02
N VAL B 194 10.12 -16.03 31.86
CA VAL B 194 10.58 -17.12 31.00
C VAL B 194 11.62 -17.97 31.73
N LEU B 195 12.65 -17.33 32.30
CA LEU B 195 13.72 -18.08 32.95
C LEU B 195 13.22 -18.77 34.21
N THR B 196 12.41 -18.08 35.02
CA THR B 196 11.92 -18.68 36.26
C THR B 196 11.03 -19.89 35.98
N GLU B 197 10.23 -19.83 34.92
CA GLU B 197 9.38 -20.97 34.59
C GLU B 197 10.15 -22.09 33.90
N ALA B 198 11.22 -21.75 33.18
CA ALA B 198 11.98 -22.77 32.45
C ALA B 198 12.67 -23.72 33.43
N VAL B 199 13.29 -23.18 34.48
CA VAL B 199 13.99 -24.01 35.46
C VAL B 199 13.05 -24.83 36.31
N LYS B 200 11.75 -24.55 36.28
CA LYS B 200 10.78 -25.34 37.02
C LYS B 200 10.36 -26.60 36.29
N GLN B 201 10.82 -26.79 35.05
CA GLN B 201 10.39 -27.93 34.27
C GLN B 201 11.22 -29.17 34.60
N SER B 202 10.69 -30.33 34.21
CA SER B 202 11.38 -31.59 34.35
C SER B 202 12.22 -31.88 33.11
N ASP B 203 13.16 -32.82 33.27
CA ASP B 203 13.98 -33.28 32.15
C ASP B 203 14.83 -32.15 31.57
N LEU B 204 15.39 -31.32 32.43
CA LEU B 204 16.22 -30.23 31.97
C LEU B 204 17.58 -30.76 31.50
N PRO B 205 18.16 -30.15 30.47
CA PRO B 205 19.53 -30.50 30.09
C PRO B 205 20.50 -30.21 31.23
N SER B 206 21.53 -31.04 31.33
CA SER B 206 22.50 -30.90 32.41
C SER B 206 23.22 -29.56 32.31
N GLY B 207 23.32 -28.87 33.45
CA GLY B 207 24.02 -27.60 33.51
C GLY B 207 23.19 -26.38 33.22
N TYR B 208 21.93 -26.54 32.81
CA TYR B 208 21.12 -25.38 32.46
C TYR B 208 20.73 -24.57 33.69
N ASP B 209 20.35 -25.25 34.78
CA ASP B 209 19.96 -24.53 35.99
C ASP B 209 21.12 -23.73 36.56
N HIS B 210 22.33 -24.30 36.49
CA HIS B 210 23.51 -23.58 36.97
C HIS B 210 23.77 -22.33 36.12
N LEU B 211 23.52 -22.42 34.80
CA LEU B 211 23.76 -21.27 33.92
C LEU B 211 22.70 -20.20 34.10
N CYS B 212 21.44 -20.60 34.30
CA CYS B 212 20.37 -19.63 34.50
C CYS B 212 20.64 -18.81 35.76
N GLN B 213 21.38 -19.38 36.71
CA GLN B 213 21.62 -18.70 37.98
C GLN B 213 22.36 -17.40 37.79
N PHE B 214 23.39 -17.41 36.94
CA PHE B 214 24.13 -16.19 36.62
C PHE B 214 23.24 -15.15 35.96
N VAL B 215 22.36 -15.58 35.05
CA VAL B 215 21.52 -14.64 34.32
C VAL B 215 20.42 -14.10 35.22
N MET B 216 19.81 -14.96 36.05
CA MET B 216 18.75 -14.50 36.94
C MET B 216 19.29 -13.65 38.08
N SER B 217 20.49 -13.95 38.57
CA SER B 217 21.09 -13.19 39.66
C SER B 217 21.89 -11.99 39.17
N GLY B 218 22.28 -11.96 37.91
CA GLY B 218 23.06 -10.86 37.39
C GLY B 218 24.54 -10.92 37.69
N GLN B 219 25.05 -12.07 38.13
CA GLN B 219 26.48 -12.22 38.43
C GLN B 219 27.16 -12.75 37.17
N LEU B 220 27.43 -11.82 36.25
CA LEU B 220 28.01 -12.14 34.95
C LEU B 220 29.37 -11.49 34.77
N SER B 221 30.09 -11.24 35.87
CA SER B 221 31.38 -10.56 35.81
C SER B 221 32.58 -11.51 35.84
N ASP B 222 32.40 -12.74 36.31
CA ASP B 222 33.49 -13.72 36.34
C ASP B 222 33.44 -14.47 35.01
N SER B 223 34.28 -14.04 34.06
CA SER B 223 34.22 -14.60 32.71
C SER B 223 34.59 -16.08 32.69
N GLU B 224 35.56 -16.49 33.50
CA GLU B 224 36.00 -17.89 33.45
C GLU B 224 34.95 -18.83 34.02
N LYS B 225 34.21 -18.38 35.03
CA LYS B 225 33.10 -19.20 35.53
C LYS B 225 31.99 -19.32 34.50
N LEU B 226 31.71 -18.23 33.77
CA LEU B 226 30.66 -18.29 32.74
C LEU B 226 31.05 -19.23 31.62
N LEU B 227 32.31 -19.17 31.15
CA LEU B 227 32.74 -20.05 30.08
C LEU B 227 32.74 -21.50 30.52
N GLU B 228 33.08 -21.75 31.78
CA GLU B 228 33.00 -23.10 32.33
C GLU B 228 31.56 -23.55 32.46
N SER B 229 30.66 -22.64 32.82
CA SER B 229 29.23 -22.98 32.91
C SER B 229 28.62 -23.18 31.53
N LEU B 230 29.05 -22.39 30.54
CA LEU B 230 28.53 -22.55 29.18
C LEU B 230 28.97 -23.88 28.57
N GLU B 231 30.23 -24.26 28.78
CA GLU B 231 30.72 -25.51 28.21
C GLU B 231 30.03 -26.71 28.85
N ASN B 232 29.71 -26.62 30.14
CA ASN B 232 28.98 -27.70 30.80
C ASN B 232 27.57 -27.81 30.26
N PHE B 233 26.91 -26.67 30.03
CA PHE B 233 25.57 -26.68 29.47
C PHE B 233 25.56 -27.18 28.03
N TRP B 234 26.60 -26.89 27.26
CA TRP B 234 26.68 -27.40 25.89
C TRP B 234 26.84 -28.92 25.87
N ASN B 235 27.64 -29.47 26.80
CA ASN B 235 27.73 -30.92 26.92
C ASN B 235 26.41 -31.52 27.35
N GLY B 236 25.68 -30.84 28.25
CA GLY B 236 24.36 -31.29 28.63
C GLY B 236 23.37 -31.30 27.49
N ILE B 237 23.60 -30.46 26.46
CA ILE B 237 22.74 -30.49 25.28
C ILE B 237 22.98 -31.77 24.49
N GLN B 238 24.24 -32.19 24.36
CA GLN B 238 24.56 -33.39 23.60
C GLN B 238 23.94 -34.62 24.23
N GLU B 239 24.02 -34.74 25.57
CA GLU B 239 23.38 -35.85 26.25
C GLU B 239 21.86 -35.74 26.19
N TRP B 240 21.33 -34.52 26.27
CA TRP B 240 19.89 -34.32 26.30
C TRP B 240 19.25 -34.69 24.97
N THR B 241 19.85 -34.28 23.85
CA THR B 241 19.27 -34.57 22.54
C THR B 241 19.33 -36.06 22.24
N GLU B 242 20.41 -36.72 22.65
CA GLU B 242 20.49 -38.17 22.49
C GLU B 242 19.42 -38.87 23.32
N ARG B 243 19.20 -38.39 24.55
CA ARG B 243 18.21 -39.01 25.43
C ARG B 243 16.80 -38.90 24.88
N HIS B 244 16.49 -37.81 24.18
CA HIS B 244 15.13 -37.53 23.75
C HIS B 244 14.91 -37.76 22.25
N GLY B 245 15.91 -38.27 21.53
CA GLY B 245 15.75 -38.60 20.13
C GLY B 245 15.91 -37.46 19.15
N TYR B 246 16.04 -36.22 19.61
CA TYR B 246 16.22 -35.10 18.71
C TYR B 246 17.57 -35.20 18.00
N ILE B 247 17.61 -35.93 16.90
CA ILE B 247 18.85 -36.17 16.16
C ILE B 247 18.98 -35.15 15.05
N VAL B 248 20.05 -34.35 15.09
CA VAL B 248 20.37 -33.40 14.04
C VAL B 248 21.21 -34.10 12.98
N ASP B 249 20.75 -34.06 11.73
CA ASP B 249 21.43 -34.76 10.64
C ASP B 249 22.76 -34.09 10.34
N VAL B 250 23.85 -34.86 10.41
CA VAL B 250 25.20 -34.38 10.16
C VAL B 250 25.90 -35.16 9.05
N SER B 251 25.19 -36.04 8.35
CA SER B 251 25.87 -36.99 7.48
C SER B 251 26.40 -36.34 6.21
N LYS B 252 25.65 -35.39 5.65
CA LYS B 252 26.00 -34.84 4.34
C LYS B 252 26.81 -33.55 4.50
N ARG B 253 27.82 -33.37 3.64
CA ARG B 253 28.64 -32.17 3.71
C ARG B 253 27.99 -30.98 3.01
N ILE B 254 27.24 -31.22 1.93
CA ILE B 254 26.43 -30.19 1.29
C ILE B 254 25.05 -30.79 1.05
N PRO B 255 24.04 -30.42 1.83
CA PRO B 255 22.76 -31.14 1.79
C PRO B 255 21.76 -30.59 0.78
N PHE B 256 22.24 -30.08 -0.35
CA PHE B 256 21.34 -29.70 -1.43
C PHE B 256 22.01 -29.90 -2.79
N ASN C 5 31.55 -32.88 18.26
CA ASN C 5 30.81 -32.17 19.29
C ASN C 5 31.16 -30.67 19.29
N GLY C 6 30.16 -29.84 19.02
CA GLY C 6 30.36 -28.41 18.95
C GLY C 6 31.26 -28.00 17.81
N PRO C 7 31.43 -26.69 17.63
CA PRO C 7 32.34 -26.22 16.59
C PRO C 7 33.79 -26.57 16.92
N ILE C 8 34.51 -27.04 15.90
CA ILE C 8 35.91 -27.38 16.04
C ILE C 8 36.74 -26.22 15.50
N ILE C 9 38.04 -26.22 15.82
CA ILE C 9 38.95 -25.22 15.30
C ILE C 9 39.18 -25.44 13.82
N MET C 10 39.06 -24.38 13.03
CA MET C 10 39.36 -24.43 11.61
C MET C 10 40.15 -23.19 11.22
N THR C 11 40.90 -23.31 10.13
CA THR C 11 41.65 -22.19 9.58
C THR C 11 40.83 -21.47 8.50
N ARG C 12 41.27 -20.27 8.15
CA ARG C 12 40.60 -19.52 7.09
C ARG C 12 40.73 -20.23 5.75
N GLU C 13 41.85 -20.92 5.54
CA GLU C 13 42.09 -21.65 4.30
C GLU C 13 41.16 -22.85 4.17
N GLU C 14 40.84 -23.52 5.28
CA GLU C 14 39.90 -24.63 5.23
C GLU C 14 38.48 -24.14 4.98
N ARG C 15 38.13 -22.96 5.53
CA ARG C 15 36.79 -22.41 5.33
C ARG C 15 36.58 -21.97 3.90
N MET C 16 37.59 -21.35 3.28
CA MET C 16 37.45 -20.94 1.89
C MET C 16 37.38 -22.16 0.98
N LYS C 17 38.01 -23.26 1.37
CA LYS C 17 37.90 -24.50 0.61
C LYS C 17 36.46 -25.01 0.62
N ILE C 18 35.78 -24.90 1.77
CA ILE C 18 34.38 -25.30 1.85
C ILE C 18 33.51 -24.37 1.00
N VAL C 19 33.85 -23.08 0.96
CA VAL C 19 33.06 -22.11 0.22
C VAL C 19 33.02 -22.46 -1.26
N HIS C 20 34.18 -22.84 -1.83
CA HIS C 20 34.23 -23.10 -3.27
C HIS C 20 33.56 -24.43 -3.63
N GLU C 21 33.50 -25.37 -2.69
CA GLU C 21 32.72 -26.57 -2.92
C GLU C 21 31.23 -26.24 -3.02
N ILE C 22 30.76 -25.30 -2.19
CA ILE C 22 29.36 -24.92 -2.22
C ILE C 22 29.05 -24.17 -3.51
N LYS C 23 29.98 -23.32 -3.97
CA LYS C 23 29.78 -22.65 -5.25
C LYS C 23 29.69 -23.64 -6.40
N GLU C 24 30.51 -24.69 -6.36
CA GLU C 24 30.48 -25.70 -7.42
C GLU C 24 29.15 -26.43 -7.45
N ARG C 25 28.55 -26.65 -6.27
CA ARG C 25 27.24 -27.31 -6.26
C ARG C 25 26.14 -26.35 -6.68
N ILE C 26 26.26 -25.06 -6.34
CA ILE C 26 25.23 -24.09 -6.70
C ILE C 26 25.20 -23.86 -8.21
N LEU C 27 26.37 -23.80 -8.86
CA LEU C 27 26.40 -23.56 -10.29
C LEU C 27 25.94 -24.78 -11.07
N ASP C 28 26.25 -25.99 -10.60
CA ASP C 28 25.80 -27.19 -11.29
C ASP C 28 24.30 -27.37 -11.16
N LYS C 29 23.73 -27.03 -10.00
CA LYS C 29 22.32 -27.30 -9.76
C LYS C 29 21.42 -26.27 -10.41
N TYR C 30 21.84 -25.01 -10.44
CA TYR C 30 21.02 -23.93 -10.97
C TYR C 30 21.55 -23.32 -12.27
N GLY C 31 22.77 -23.66 -12.68
CA GLY C 31 23.27 -23.24 -13.98
C GLY C 31 23.34 -21.74 -14.12
N ASP C 32 22.80 -21.24 -15.23
CA ASP C 32 22.81 -19.82 -15.55
C ASP C 32 21.65 -19.05 -14.92
N ASP C 33 20.91 -19.66 -13.99
CA ASP C 33 20.00 -18.90 -13.15
C ASP C 33 20.73 -18.19 -12.02
N VAL C 34 21.98 -18.54 -11.78
CA VAL C 34 22.77 -17.92 -10.72
C VAL C 34 23.34 -16.61 -11.26
N LYS C 35 23.01 -15.50 -10.62
CA LYS C 35 23.56 -14.20 -11.00
C LYS C 35 24.85 -13.89 -10.26
N ALA C 36 24.93 -14.20 -8.97
CA ALA C 36 26.11 -13.87 -8.19
C ALA C 36 26.18 -14.76 -6.96
N ILE C 37 27.41 -14.98 -6.49
CA ILE C 37 27.69 -15.71 -5.26
C ILE C 37 28.72 -14.92 -4.46
N GLY C 38 28.42 -14.70 -3.18
CA GLY C 38 29.32 -13.94 -2.33
C GLY C 38 29.37 -14.51 -0.92
N VAL C 39 30.44 -14.16 -0.21
CA VAL C 39 30.64 -14.56 1.17
C VAL C 39 30.51 -13.32 2.06
N TYR C 40 29.73 -13.43 3.13
CA TYR C 40 29.63 -12.33 4.08
C TYR C 40 29.91 -12.84 5.49
N GLY C 41 29.67 -12.01 6.50
CA GLY C 41 30.04 -12.35 7.85
C GLY C 41 31.53 -12.12 8.08
N SER C 42 32.06 -12.82 9.09
CA SER C 42 33.46 -12.63 9.45
C SER C 42 34.40 -13.22 8.39
N LEU C 43 33.98 -14.31 7.73
CA LEU C 43 34.80 -14.88 6.67
C LEU C 43 34.90 -13.92 5.49
N GLY C 44 33.79 -13.26 5.14
CA GLY C 44 33.82 -12.26 4.09
C GLY C 44 34.64 -11.04 4.44
N ARG C 45 34.82 -10.77 5.73
CA ARG C 45 35.71 -9.70 6.19
C ARG C 45 37.13 -10.20 6.41
N GLN C 46 37.35 -11.51 6.26
CA GLN C 46 38.66 -12.13 6.49
C GLN C 46 39.18 -11.85 7.89
N THR C 47 38.27 -11.86 8.87
CA THR C 47 38.61 -11.75 10.28
C THR C 47 38.04 -12.92 11.08
N ASP C 48 37.79 -14.04 10.42
CA ASP C 48 37.20 -15.19 11.08
C ASP C 48 38.16 -15.78 12.11
N GLY C 49 37.62 -16.18 13.25
CA GLY C 49 38.40 -16.76 14.31
C GLY C 49 38.48 -18.26 14.20
N PRO C 50 39.12 -18.92 15.17
CA PRO C 50 39.26 -20.38 15.10
C PRO C 50 37.93 -21.12 15.05
N TYR C 51 36.91 -20.64 15.75
CA TYR C 51 35.63 -21.35 15.88
C TYR C 51 34.52 -20.71 15.06
N SER C 52 34.84 -19.83 14.12
CA SER C 52 33.83 -19.14 13.33
C SER C 52 33.19 -20.07 12.31
N ASP C 53 31.95 -19.74 11.93
CA ASP C 53 31.20 -20.48 10.93
C ASP C 53 31.29 -19.77 9.57
N ILE C 54 30.40 -20.11 8.64
CA ILE C 54 30.44 -19.62 7.28
C ILE C 54 29.05 -19.14 6.88
N GLU C 55 28.99 -17.95 6.27
CA GLU C 55 27.75 -17.40 5.75
C GLU C 55 27.96 -16.97 4.30
N MET C 56 27.06 -17.40 3.42
CA MET C 56 27.12 -17.08 2.01
C MET C 56 25.78 -16.56 1.51
N MET C 57 25.82 -15.76 0.45
CA MET C 57 24.64 -15.22 -0.20
C MET C 57 24.70 -15.56 -1.69
N CYS C 58 23.53 -15.65 -2.31
N CYS C 58 23.53 -15.65 -2.31
CA CYS C 58 23.43 -15.95 -3.73
CA CYS C 58 23.43 -15.96 -3.73
C CYS C 58 22.31 -15.13 -4.35
C CYS C 58 22.31 -15.13 -4.35
N VAL C 59 22.59 -14.54 -5.50
CA VAL C 59 21.62 -13.76 -6.25
C VAL C 59 21.16 -14.60 -7.44
N MET C 60 19.86 -14.82 -7.54
CA MET C 60 19.26 -15.63 -8.59
C MET C 60 18.55 -14.75 -9.60
N SER C 61 18.44 -15.28 -10.83
CA SER C 61 17.64 -14.63 -11.87
C SER C 61 16.18 -15.03 -11.79
N THR C 62 15.89 -16.21 -11.22
CA THR C 62 14.52 -16.65 -10.97
C THR C 62 13.79 -15.61 -10.14
N GLU C 63 12.76 -15.00 -10.71
CA GLU C 63 12.05 -13.94 -10.02
C GLU C 63 11.34 -14.46 -8.77
N GLU C 64 11.26 -13.59 -7.75
CA GLU C 64 10.55 -13.85 -6.51
C GLU C 64 11.17 -14.99 -5.70
N ALA C 65 12.40 -15.37 -6.03
CA ALA C 65 13.06 -16.50 -5.37
C ALA C 65 13.57 -16.09 -3.99
N GLU C 66 13.26 -16.92 -2.98
CA GLU C 66 13.69 -16.65 -1.62
C GLU C 66 13.70 -17.98 -0.84
N PHE C 67 14.89 -18.51 -0.60
CA PHE C 67 15.05 -19.70 0.23
C PHE C 67 16.46 -19.69 0.82
N SER C 68 16.69 -20.61 1.75
CA SER C 68 17.94 -20.63 2.50
C SER C 68 18.29 -22.05 2.90
N HIS C 69 19.60 -22.35 2.91
CA HIS C 69 20.12 -23.64 3.36
C HIS C 69 21.07 -23.40 4.53
N GLU C 70 20.76 -23.99 5.67
CA GLU C 70 21.54 -23.82 6.90
C GLU C 70 21.66 -25.17 7.59
N TRP C 71 22.90 -25.62 7.83
CA TRP C 71 23.11 -26.96 8.34
C TRP C 71 24.41 -27.03 9.11
N THR C 72 24.62 -28.16 9.79
CA THR C 72 25.85 -28.46 10.50
C THR C 72 26.28 -29.89 10.18
N THR C 73 27.60 -30.10 10.21
CA THR C 73 28.18 -31.43 10.08
C THR C 73 28.61 -32.01 11.41
N GLY C 74 28.24 -31.36 12.52
CA GLY C 74 28.75 -31.71 13.83
C GLY C 74 30.05 -31.03 14.19
N GLU C 75 30.83 -30.60 13.20
CA GLU C 75 32.10 -29.92 13.42
C GLU C 75 32.06 -28.46 13.00
N TRP C 76 31.29 -28.11 11.96
CA TRP C 76 31.18 -26.75 11.50
C TRP C 76 29.78 -26.50 10.94
N LYS C 77 29.48 -25.23 10.69
CA LYS C 77 28.13 -24.79 10.35
C LYS C 77 28.17 -23.84 9.16
N VAL C 78 27.18 -23.95 8.27
CA VAL C 78 27.08 -23.12 7.08
C VAL C 78 25.65 -22.59 6.94
N GLU C 79 25.53 -21.37 6.44
CA GLU C 79 24.25 -20.77 6.06
C GLU C 79 24.39 -20.15 4.69
N VAL C 80 23.52 -20.53 3.76
CA VAL C 80 23.55 -20.00 2.40
C VAL C 80 22.17 -19.42 2.09
N ASN C 81 22.14 -18.13 1.73
CA ASN C 81 20.91 -17.43 1.42
C ASN C 81 20.74 -17.29 -0.09
N PHE C 82 19.51 -17.51 -0.56
CA PHE C 82 19.18 -17.40 -1.98
C PHE C 82 18.06 -16.38 -2.15
N ASP C 83 18.35 -15.33 -2.93
CA ASP C 83 17.37 -14.28 -3.20
C ASP C 83 17.45 -13.85 -4.65
N SER C 84 16.31 -13.47 -5.21
CA SER C 84 16.29 -12.79 -6.49
C SER C 84 16.87 -11.39 -6.34
N GLU C 85 17.27 -10.80 -7.46
CA GLU C 85 17.86 -9.46 -7.41
C GLU C 85 16.89 -8.45 -6.83
N GLU C 86 15.61 -8.57 -7.16
CA GLU C 86 14.62 -7.59 -6.68
C GLU C 86 14.31 -7.80 -5.20
N ILE C 87 14.21 -9.04 -4.75
CA ILE C 87 13.96 -9.30 -3.34
C ILE C 87 15.13 -8.82 -2.50
N LEU C 88 16.36 -9.11 -2.95
CA LEU C 88 17.55 -8.68 -2.22
C LEU C 88 17.74 -7.17 -2.29
N LEU C 89 17.55 -6.59 -3.48
CA LEU C 89 17.67 -5.13 -3.60
C LEU C 89 16.62 -4.43 -2.76
N ASP C 90 15.43 -5.02 -2.69
CA ASP C 90 14.40 -4.49 -1.81
C ASP C 90 14.89 -4.54 -0.37
N TYR C 91 15.33 -5.72 0.08
CA TYR C 91 15.68 -5.90 1.49
C TYR C 91 16.84 -5.00 1.90
N ALA C 92 17.79 -4.75 1.01
CA ALA C 92 18.91 -3.89 1.38
C ALA C 92 18.50 -2.44 1.59
N SER C 93 17.28 -2.05 1.23
CA SER C 93 16.85 -0.66 1.31
C SER C 93 15.75 -0.39 2.35
N GLN C 94 15.39 -1.37 3.18
CA GLN C 94 14.46 -1.13 4.27
C GLN C 94 15.23 -0.94 5.56
N VAL C 95 14.81 0.02 6.35
CA VAL C 95 15.47 0.34 7.62
C VAL C 95 14.52 -0.08 8.74
N GLU C 96 14.87 -1.14 9.45
CA GLU C 96 14.12 -1.60 10.60
C GLU C 96 14.80 -1.10 11.87
N SER C 97 14.24 -1.48 13.03
CA SER C 97 14.83 -1.08 14.30
C SER C 97 16.21 -1.71 14.49
N ASP C 98 16.43 -2.90 13.93
CA ASP C 98 17.71 -3.59 14.07
C ASP C 98 18.59 -3.45 12.83
N TRP C 99 18.34 -2.42 12.02
CA TRP C 99 19.19 -2.14 10.85
C TRP C 99 20.68 -2.06 11.17
N PRO C 100 21.13 -1.37 12.23
CA PRO C 100 22.57 -1.33 12.50
C PRO C 100 23.18 -2.70 12.78
N LEU C 101 22.37 -3.68 13.17
CA LEU C 101 22.87 -5.02 13.46
C LEU C 101 22.86 -5.93 12.24
N THR C 102 21.93 -5.72 11.31
CA THR C 102 21.71 -6.65 10.21
C THR C 102 22.38 -6.23 8.91
N HIS C 103 22.32 -4.95 8.54
CA HIS C 103 22.67 -4.54 7.18
C HIS C 103 24.16 -4.31 6.98
N GLY C 104 25.00 -4.50 7.99
CA GLY C 104 26.43 -4.50 7.76
C GLY C 104 26.89 -5.61 6.84
N GLN C 105 26.05 -6.63 6.65
CA GLN C 105 26.37 -7.75 5.78
C GLN C 105 26.55 -7.35 4.32
N PHE C 106 26.02 -6.19 3.92
CA PHE C 106 26.10 -5.76 2.53
C PHE C 106 27.31 -4.88 2.22
N PHE C 107 28.09 -4.51 3.23
CA PHE C 107 29.19 -3.56 3.05
C PHE C 107 30.56 -4.22 2.96
N SER C 108 30.65 -5.53 3.11
CA SER C 108 31.95 -6.21 3.06
C SER C 108 31.78 -7.60 2.45
N ILE C 109 31.06 -7.69 1.34
CA ILE C 109 30.83 -8.97 0.67
C ILE C 109 32.08 -9.38 -0.09
N LEU C 110 32.49 -10.64 0.07
CA LEU C 110 33.64 -11.17 -0.66
C LEU C 110 33.15 -11.79 -1.95
N PRO C 111 33.43 -11.22 -3.12
CA PRO C 111 32.90 -11.75 -4.37
C PRO C 111 33.51 -13.09 -4.74
N ILE C 112 32.66 -13.99 -5.23
CA ILE C 112 33.08 -15.32 -5.65
C ILE C 112 32.63 -15.56 -7.08
N TYR C 113 31.45 -15.05 -7.43
CA TYR C 113 30.89 -15.19 -8.76
C TYR C 113 29.93 -14.03 -8.98
N ASP C 114 29.96 -13.44 -10.18
CA ASP C 114 29.10 -12.28 -10.46
C ASP C 114 28.98 -12.13 -11.98
N SER C 115 27.78 -12.35 -12.50
CA SER C 115 27.56 -12.29 -13.95
C SER C 115 27.42 -10.86 -14.45
N GLY C 116 26.81 -9.98 -13.66
CA GLY C 116 26.56 -8.62 -14.13
C GLY C 116 26.72 -7.55 -13.07
N GLY C 117 27.73 -7.68 -12.21
CA GLY C 117 27.97 -6.67 -11.21
C GLY C 117 26.88 -6.54 -10.17
N TYR C 118 26.18 -7.63 -9.86
CA TYR C 118 25.05 -7.55 -8.95
C TYR C 118 25.49 -7.27 -7.52
N LEU C 119 26.61 -7.85 -7.09
CA LEU C 119 27.10 -7.60 -5.74
C LEU C 119 27.46 -6.14 -5.53
N GLU C 120 27.95 -5.47 -6.58
CA GLU C 120 28.26 -4.05 -6.47
C GLU C 120 26.98 -3.23 -6.37
N LYS C 121 25.94 -3.62 -7.10
CA LYS C 121 24.66 -2.91 -7.03
C LYS C 121 24.02 -3.05 -5.66
N VAL C 122 24.13 -4.23 -5.05
CA VAL C 122 23.60 -4.43 -3.71
C VAL C 122 24.31 -3.50 -2.72
N TYR C 123 25.63 -3.38 -2.86
CA TYR C 123 26.38 -2.47 -1.99
C TYR C 123 25.95 -1.03 -2.19
N GLN C 124 25.80 -0.60 -3.44
CA GLN C 124 25.41 0.79 -3.71
C GLN C 124 24.00 1.08 -3.21
N THR C 125 23.13 0.07 -3.22
CA THR C 125 21.76 0.27 -2.75
C THR C 125 21.72 0.44 -1.23
N ALA C 126 22.39 -0.46 -0.51
CA ALA C 126 22.35 -0.41 0.96
C ALA C 126 22.98 0.86 1.52
N LYS C 127 23.86 1.52 0.77
CA LYS C 127 24.55 2.71 1.25
C LYS C 127 23.92 4.00 0.75
N SER C 128 22.86 3.90 -0.06
CA SER C 128 22.20 5.07 -0.65
C SER C 128 20.77 5.20 -0.15
N VAL C 129 20.50 4.70 1.05
CA VAL C 129 19.15 4.76 1.63
C VAL C 129 18.84 6.19 2.06
N GLU C 130 17.63 6.64 1.76
CA GLU C 130 17.26 8.03 2.02
C GLU C 130 17.14 8.29 3.51
N ALA C 131 17.33 9.55 3.89
CA ALA C 131 17.38 9.94 5.29
C ALA C 131 16.05 9.66 6.01
N GLN C 132 14.92 9.81 5.31
CA GLN C 132 13.62 9.69 5.95
C GLN C 132 13.42 8.32 6.58
N LYS C 133 13.99 7.27 6.00
CA LYS C 133 13.79 5.93 6.55
C LYS C 133 14.48 5.79 7.91
N PHE C 134 15.64 6.41 8.09
CA PHE C 134 16.30 6.37 9.39
C PHE C 134 15.55 7.22 10.41
N HIS C 135 15.00 8.36 9.98
CA HIS C 135 14.20 9.18 10.88
C HIS C 135 12.96 8.43 11.33
N ASP C 136 12.28 7.75 10.40
CA ASP C 136 11.07 7.01 10.76
C ASP C 136 11.42 5.78 11.61
N ALA C 137 12.55 5.14 11.33
CA ALA C 137 12.94 3.98 12.12
C ALA C 137 13.31 4.36 13.54
N ILE C 138 13.90 5.55 13.73
CA ILE C 138 14.22 6.01 15.08
C ILE C 138 12.94 6.28 15.88
N CYS C 139 11.97 6.94 15.25
CA CYS C 139 10.71 7.24 15.94
C CYS C 139 9.95 5.96 16.28
N ALA C 140 10.01 4.96 15.40
CA ALA C 140 9.33 3.70 15.68
C ALA C 140 10.03 2.93 16.80
N LEU C 141 11.37 2.98 16.83
CA LEU C 141 12.12 2.28 17.87
C LEU C 141 11.80 2.85 19.25
N ILE C 142 11.60 4.16 19.34
CA ILE C 142 11.32 4.79 20.63
C ILE C 142 10.01 4.26 21.20
N VAL C 143 8.98 4.13 20.35
CA VAL C 143 7.68 3.68 20.82
C VAL C 143 7.67 2.17 21.01
N GLU C 144 8.09 1.43 19.98
CA GLU C 144 7.91 -0.03 20.00
C GLU C 144 8.88 -0.72 20.94
N GLU C 145 10.05 -0.14 21.19
CA GLU C 145 11.07 -0.79 21.99
C GLU C 145 11.36 -0.05 23.29
N LEU C 146 11.79 1.21 23.22
CA LEU C 146 12.24 1.92 24.41
C LEU C 146 11.10 2.20 25.37
N PHE C 147 9.99 2.76 24.87
CA PHE C 147 8.82 2.99 25.70
C PHE C 147 8.30 1.68 26.27
N GLU C 148 8.40 0.58 25.51
CA GLU C 148 8.00 -0.73 26.00
C GLU C 148 8.87 -1.19 27.16
N TYR C 149 10.19 -1.07 27.02
CA TYR C 149 11.09 -1.49 28.08
C TYR C 149 10.90 -0.64 29.34
N ALA C 150 10.64 0.66 29.17
CA ALA C 150 10.48 1.54 30.32
C ALA C 150 9.33 1.07 31.21
N GLY C 151 8.23 0.65 30.61
CA GLY C 151 7.14 0.10 31.40
C GLY C 151 7.50 -1.20 32.09
N LYS C 152 8.40 -1.99 31.49
CA LYS C 152 8.74 -3.28 32.06
C LYS C 152 9.64 -3.15 33.28
N TRP C 153 10.65 -2.27 33.23
CA TRP C 153 11.52 -2.11 34.39
C TRP C 153 10.84 -1.31 35.49
N ARG C 154 9.93 -0.41 35.14
CA ARG C 154 9.15 0.28 36.17
C ARG C 154 8.19 -0.67 36.87
N ASN C 155 7.65 -1.66 36.15
CA ASN C 155 6.88 -2.70 36.79
C ASN C 155 7.76 -3.55 37.70
N ILE C 156 8.95 -3.90 37.23
CA ILE C 156 9.89 -4.69 38.05
C ILE C 156 10.20 -3.95 39.35
N ARG C 157 10.25 -2.61 39.29
CA ARG C 157 10.57 -1.84 40.48
C ARG C 157 9.51 -2.00 41.58
N VAL C 158 8.24 -2.13 41.20
CA VAL C 158 7.14 -2.21 42.17
C VAL C 158 6.58 -3.61 42.38
N GLN C 159 6.76 -4.52 41.44
CA GLN C 159 6.14 -5.82 41.61
C GLN C 159 7.02 -6.96 41.13
N GLY C 160 8.26 -6.69 40.74
CA GLY C 160 9.14 -7.72 40.26
C GLY C 160 8.70 -8.24 38.90
N PRO C 161 9.34 -9.33 38.43
CA PRO C 161 10.42 -10.01 39.15
C PRO C 161 11.80 -9.44 38.83
N THR C 162 12.64 -9.26 39.85
CA THR C 162 13.99 -8.77 39.63
C THR C 162 14.88 -9.81 38.95
N THR C 163 14.44 -11.06 38.89
CA THR C 163 15.20 -12.09 38.17
C THR C 163 15.21 -11.84 36.67
N PHE C 164 14.37 -10.94 36.18
CA PHE C 164 14.35 -10.54 34.78
C PHE C 164 15.16 -9.28 34.51
N LEU C 165 15.47 -8.49 35.54
CA LEU C 165 16.17 -7.22 35.35
C LEU C 165 17.51 -7.36 34.62
N PRO C 166 18.38 -8.32 34.93
CA PRO C 166 19.63 -8.43 34.15
C PRO C 166 19.38 -8.69 32.68
N SER C 167 18.40 -9.53 32.34
CA SER C 167 18.08 -9.77 30.94
C SER C 167 17.51 -8.53 30.28
N LEU C 168 16.60 -7.83 30.96
CA LEU C 168 16.00 -6.62 30.40
C LEU C 168 17.06 -5.53 30.19
N THR C 169 18.01 -5.41 31.12
CA THR C 169 19.04 -4.38 30.99
C THR C 169 19.89 -4.62 29.75
N VAL C 170 20.17 -5.88 29.42
CA VAL C 170 20.88 -6.19 28.18
C VAL C 170 20.06 -5.77 26.98
N GLN C 171 18.74 -5.98 27.03
CA GLN C 171 17.89 -5.59 25.91
C GLN C 171 17.81 -4.08 25.76
N VAL C 172 17.77 -3.35 26.88
CA VAL C 172 17.72 -1.89 26.82
C VAL C 172 19.02 -1.34 26.24
N ALA C 173 20.16 -1.87 26.69
CA ALA C 173 21.44 -1.42 26.15
C ALA C 173 21.58 -1.75 24.68
N MET C 174 21.04 -2.89 24.25
CA MET C 174 21.11 -3.27 22.84
C MET C 174 20.21 -2.37 21.99
N ALA C 175 19.02 -2.03 22.51
CA ALA C 175 18.14 -1.13 21.78
C ALA C 175 18.72 0.28 21.71
N GLY C 176 19.45 0.70 22.74
CA GLY C 176 20.11 2.00 22.68
C GLY C 176 21.19 2.04 21.62
N ALA C 177 21.92 0.93 21.44
CA ALA C 177 22.92 0.88 20.39
C ALA C 177 22.30 0.97 19.00
N MET C 178 21.11 0.40 18.82
CA MET C 178 20.41 0.54 17.55
C MET C 178 20.01 2.00 17.31
N LEU C 179 19.57 2.70 18.36
CA LEU C 179 19.21 4.11 18.23
C LEU C 179 20.39 4.93 17.74
N ILE C 180 21.55 4.76 18.39
CA ILE C 180 22.76 5.47 17.97
C ILE C 180 23.17 5.06 16.56
N GLY C 181 23.05 3.76 16.25
CA GLY C 181 23.41 3.30 14.93
C GLY C 181 22.52 3.88 13.84
N LEU C 182 21.23 4.01 14.12
CA LEU C 182 20.33 4.63 13.15
C LEU C 182 20.62 6.12 13.01
N HIS C 183 20.98 6.78 14.11
CA HIS C 183 21.25 8.21 14.06
C HIS C 183 22.46 8.52 13.18
N HIS C 184 23.55 7.78 13.37
CA HIS C 184 24.80 8.03 12.66
C HIS C 184 24.94 7.23 11.37
N ARG C 185 23.92 6.46 10.97
CA ARG C 185 23.98 5.60 9.79
C ARG C 185 25.17 4.65 9.85
N ILE C 186 25.33 4.00 11.00
CA ILE C 186 26.42 3.06 11.25
C ILE C 186 25.86 1.65 11.32
N CYS C 187 26.51 0.73 10.63
CA CYS C 187 26.27 -0.71 10.78
C CYS C 187 27.43 -1.30 11.56
N TYR C 188 27.12 -1.92 12.70
CA TYR C 188 28.16 -2.50 13.54
C TYR C 188 28.79 -3.72 12.87
N THR C 189 30.08 -3.92 13.16
CA THR C 189 30.86 -4.96 12.48
C THR C 189 30.26 -6.34 12.72
N THR C 190 30.02 -6.69 13.98
CA THR C 190 29.47 -7.99 14.33
C THR C 190 28.71 -7.84 15.65
N SER C 191 27.94 -8.88 16.00
CA SER C 191 27.13 -8.81 17.20
C SER C 191 27.97 -8.64 18.46
N ALA C 192 29.18 -9.20 18.48
CA ALA C 192 30.03 -9.13 19.66
C ALA C 192 30.60 -7.74 19.89
N SER C 193 30.57 -6.86 18.89
CA SER C 193 31.15 -5.53 19.00
C SER C 193 30.10 -4.43 18.98
N VAL C 194 28.82 -4.77 19.10
CA VAL C 194 27.76 -3.77 19.03
C VAL C 194 27.92 -2.73 20.14
N LEU C 195 28.03 -3.20 21.39
CA LEU C 195 28.10 -2.28 22.52
C LEU C 195 29.41 -1.50 22.54
N THR C 196 30.53 -2.16 22.25
CA THR C 196 31.83 -1.49 22.29
C THR C 196 31.90 -0.38 21.24
N GLU C 197 31.31 -0.60 20.07
CA GLU C 197 31.33 0.43 19.04
C GLU C 197 30.30 1.52 19.31
N ALA C 198 29.20 1.19 19.98
CA ALA C 198 28.17 2.18 20.26
C ALA C 198 28.65 3.24 21.23
N VAL C 199 29.36 2.83 22.29
CA VAL C 199 29.85 3.79 23.28
C VAL C 199 30.98 4.64 22.73
N LYS C 200 31.57 4.27 21.60
CA LYS C 200 32.60 5.07 20.97
C LYS C 200 32.03 6.18 20.09
N GLN C 201 30.72 6.23 19.91
CA GLN C 201 30.15 7.24 19.04
C GLN C 201 30.02 8.57 19.78
N SER C 202 29.88 9.63 19.00
CA SER C 202 29.65 10.95 19.56
C SER C 202 28.15 11.20 19.69
N ASP C 203 27.81 12.20 20.51
CA ASP C 203 26.43 12.65 20.67
C ASP C 203 25.54 11.54 21.22
N LEU C 204 26.06 10.82 22.21
CA LEU C 204 25.28 9.76 22.85
C LEU C 204 24.21 10.36 23.76
N PRO C 205 23.05 9.72 23.86
CA PRO C 205 22.06 10.15 24.85
C PRO C 205 22.63 10.04 26.26
N SER C 206 22.20 10.96 27.12
CA SER C 206 22.75 11.00 28.48
C SER C 206 22.40 9.72 29.23
N GLY C 207 23.41 9.16 29.91
CA GLY C 207 23.23 7.96 30.71
C GLY C 207 23.46 6.66 29.98
N TYR C 208 23.65 6.69 28.66
CA TYR C 208 23.79 5.45 27.91
C TYR C 208 25.13 4.76 28.19
N ASP C 209 26.21 5.55 28.29
CA ASP C 209 27.52 4.96 28.53
C ASP C 209 27.58 4.27 29.90
N HIS C 210 26.97 4.87 30.92
CA HIS C 210 26.96 4.26 32.24
C HIS C 210 26.18 2.96 32.24
N LEU C 211 25.03 2.93 31.57
CA LEU C 211 24.25 1.70 31.46
C LEU C 211 25.02 0.63 30.70
N CYS C 212 25.77 1.03 29.67
CA CYS C 212 26.52 0.05 28.89
C CYS C 212 27.61 -0.62 29.72
N GLN C 213 28.20 0.10 30.68
CA GLN C 213 29.27 -0.50 31.48
C GLN C 213 28.76 -1.66 32.31
N PHE C 214 27.54 -1.54 32.86
CA PHE C 214 26.95 -2.67 33.59
C PHE C 214 26.86 -3.90 32.71
N VAL C 215 26.44 -3.71 31.45
CA VAL C 215 26.23 -4.85 30.57
C VAL C 215 27.57 -5.41 30.10
N MET C 216 28.53 -4.52 29.78
CA MET C 216 29.83 -4.98 29.32
C MET C 216 30.66 -5.60 30.43
N SER C 217 30.52 -5.11 31.67
CA SER C 217 31.27 -5.66 32.78
C SER C 217 30.59 -6.84 33.45
N GLY C 218 29.29 -7.02 33.22
CA GLY C 218 28.56 -8.12 33.81
C GLY C 218 28.12 -7.93 35.24
N GLN C 219 28.19 -6.71 35.77
CA GLN C 219 27.77 -6.43 37.14
C GLN C 219 26.32 -5.93 37.09
N LEU C 220 25.39 -6.88 37.00
CA LEU C 220 23.97 -6.61 36.87
C LEU C 220 23.18 -7.13 38.07
N SER C 221 23.83 -7.20 39.23
CA SER C 221 23.20 -7.76 40.42
C SER C 221 22.60 -6.71 41.36
N ASP C 222 23.01 -5.45 41.24
CA ASP C 222 22.46 -4.38 42.08
C ASP C 222 21.23 -3.82 41.37
N SER C 223 20.05 -4.31 41.77
CA SER C 223 18.82 -3.92 41.09
C SER C 223 18.56 -2.42 41.24
N GLU C 224 18.86 -1.86 42.41
CA GLU C 224 18.59 -0.45 42.64
C GLU C 224 19.55 0.44 41.86
N LYS C 225 20.79 0.00 41.67
CA LYS C 225 21.71 0.74 40.81
C LYS C 225 21.27 0.67 39.35
N LEU C 226 20.81 -0.49 38.91
CA LEU C 226 20.41 -0.66 37.51
C LEU C 226 19.17 0.18 37.19
N LEU C 227 18.18 0.19 38.08
CA LEU C 227 16.97 0.97 37.82
C LEU C 227 17.28 2.46 37.78
N GLU C 228 18.22 2.92 38.63
CA GLU C 228 18.63 4.32 38.56
C GLU C 228 19.38 4.60 37.26
N SER C 229 20.18 3.64 36.79
CA SER C 229 20.88 3.82 35.53
C SER C 229 19.92 3.78 34.35
N LEU C 230 18.90 2.91 34.41
CA LEU C 230 17.91 2.85 33.35
C LEU C 230 17.06 4.12 33.31
N GLU C 231 16.66 4.62 34.48
CA GLU C 231 15.81 5.81 34.52
C GLU C 231 16.55 7.04 34.03
N ASN C 232 17.86 7.13 34.31
CA ASN C 232 18.64 8.25 33.78
C ASN C 232 18.77 8.17 32.27
N PHE C 233 18.97 6.97 31.73
CA PHE C 233 19.05 6.79 30.29
C PHE C 233 17.72 7.12 29.61
N TRP C 234 16.61 6.81 30.26
CA TRP C 234 15.30 7.15 29.70
C TRP C 234 15.09 8.64 29.67
N ASN C 235 15.49 9.36 30.72
CA ASN C 235 15.42 10.82 30.70
C ASN C 235 16.35 11.40 29.66
N GLY C 236 17.55 10.82 29.51
CA GLY C 236 18.46 11.26 28.47
C GLY C 236 17.93 11.05 27.07
N ILE C 237 17.01 10.09 26.89
CA ILE C 237 16.39 9.89 25.59
C ILE C 237 15.46 11.05 25.26
N GLN C 238 14.72 11.55 26.25
CA GLN C 238 13.79 12.64 26.01
C GLN C 238 14.50 13.90 25.56
N GLU C 239 15.61 14.24 26.21
CA GLU C 239 16.38 15.42 25.80
C GLU C 239 17.07 15.18 24.46
N TRP C 240 17.54 13.96 24.22
CA TRP C 240 18.29 13.67 23.00
C TRP C 240 17.38 13.75 21.77
N THR C 241 16.19 13.17 21.84
CA THR C 241 15.29 13.16 20.69
C THR C 241 14.76 14.56 20.39
N GLU C 242 14.48 15.35 21.43
CA GLU C 242 14.00 16.71 21.22
C GLU C 242 15.04 17.58 20.53
N ARG C 243 16.31 17.45 20.94
CA ARG C 243 17.37 18.27 20.36
C ARG C 243 17.61 17.96 18.89
N HIS C 244 17.36 16.71 18.46
CA HIS C 244 17.62 16.29 17.09
C HIS C 244 16.36 16.20 16.23
N GLY C 245 15.22 16.65 16.75
CA GLY C 245 14.01 16.70 15.97
C GLY C 245 13.23 15.41 15.89
N TYR C 246 13.76 14.30 16.41
CA TYR C 246 13.02 13.03 16.39
C TYR C 246 11.81 13.20 17.31
N ILE C 247 10.75 13.75 16.74
CA ILE C 247 9.52 14.04 17.47
C ILE C 247 8.57 12.88 17.28
N VAL C 248 8.22 12.20 18.37
CA VAL C 248 7.23 11.14 18.37
C VAL C 248 5.86 11.74 18.59
N ASP C 249 4.93 11.48 17.67
CA ASP C 249 3.61 12.07 17.76
C ASP C 249 2.85 11.47 18.95
N VAL C 250 2.44 12.34 19.87
CA VAL C 250 1.69 11.93 21.05
C VAL C 250 0.33 12.61 21.12
N SER C 251 -0.03 13.37 20.09
CA SER C 251 -1.23 14.19 20.14
C SER C 251 -2.49 13.35 19.99
N LYS C 252 -2.42 12.26 19.23
CA LYS C 252 -3.59 11.47 18.88
C LYS C 252 -3.80 10.36 19.88
N ARG C 253 -5.06 10.16 20.28
CA ARG C 253 -5.40 9.08 21.20
C ARG C 253 -5.69 7.78 20.46
N ILE C 254 -6.29 7.86 19.28
CA ILE C 254 -6.44 6.73 18.38
C ILE C 254 -6.06 7.18 16.97
N PRO C 255 -4.89 6.80 16.46
CA PRO C 255 -4.40 7.40 15.22
C PRO C 255 -4.85 6.64 13.98
N PHE C 256 -6.04 6.05 14.03
CA PHE C 256 -6.63 5.44 12.85
C PHE C 256 -8.15 5.54 12.90
N ASN D 5 8.31 9.29 -3.16
CA ASN D 5 7.10 10.06 -2.95
C ASN D 5 6.77 10.94 -4.15
N GLY D 6 5.62 10.67 -4.77
CA GLY D 6 5.19 11.39 -5.95
C GLY D 6 6.09 11.16 -7.14
N PRO D 7 5.72 11.73 -8.29
CA PRO D 7 6.58 11.60 -9.48
C PRO D 7 7.88 12.34 -9.27
N ILE D 8 8.97 11.70 -9.70
CA ILE D 8 10.31 12.26 -9.55
C ILE D 8 10.70 12.97 -10.85
N ILE D 9 11.64 13.89 -10.75
CA ILE D 9 12.18 14.54 -11.95
C ILE D 9 13.08 13.55 -12.67
N MET D 10 12.84 13.38 -13.98
CA MET D 10 13.66 12.52 -14.80
C MET D 10 13.94 13.21 -16.13
N THR D 11 15.01 12.78 -16.79
CA THR D 11 15.35 13.30 -18.09
C THR D 11 14.74 12.42 -19.18
N ARG D 12 14.75 12.94 -20.41
CA ARG D 12 14.22 12.16 -21.53
C ARG D 12 15.07 10.92 -21.78
N GLU D 13 16.37 10.98 -21.50
CA GLU D 13 17.22 9.82 -21.70
C GLU D 13 16.91 8.73 -20.68
N GLU D 14 16.58 9.10 -19.45
CA GLU D 14 16.23 8.10 -18.44
C GLU D 14 14.88 7.45 -18.74
N ARG D 15 13.93 8.22 -19.28
CA ARG D 15 12.63 7.66 -19.61
C ARG D 15 12.73 6.70 -20.79
N MET D 16 13.54 7.03 -21.79
CA MET D 16 13.71 6.13 -22.92
C MET D 16 14.47 4.87 -22.52
N LYS D 17 15.35 4.96 -21.51
CA LYS D 17 15.98 3.76 -20.98
C LYS D 17 14.94 2.81 -20.38
N ILE D 18 13.97 3.36 -19.66
CA ILE D 18 12.91 2.53 -19.09
C ILE D 18 12.05 1.93 -20.20
N VAL D 19 11.80 2.69 -21.26
CA VAL D 19 10.98 2.20 -22.37
C VAL D 19 11.61 0.97 -23.01
N HIS D 20 12.92 1.01 -23.26
CA HIS D 20 13.57 -0.11 -23.93
C HIS D 20 13.73 -1.32 -23.03
N GLU D 21 13.79 -1.10 -21.70
CA GLU D 21 13.73 -2.24 -20.79
C GLU D 21 12.36 -2.91 -20.87
N ILE D 22 11.30 -2.10 -21.01
CA ILE D 22 9.95 -2.66 -21.14
C ILE D 22 9.78 -3.34 -22.50
N LYS D 23 10.36 -2.76 -23.56
CA LYS D 23 10.29 -3.40 -24.87
C LYS D 23 10.98 -4.75 -24.85
N GLU D 24 12.15 -4.84 -24.20
CA GLU D 24 12.87 -6.10 -24.15
C GLU D 24 12.11 -7.13 -23.34
N ARG D 25 11.37 -6.68 -22.31
CA ARG D 25 10.55 -7.60 -21.52
C ARG D 25 9.30 -8.04 -22.28
N ILE D 26 8.74 -7.15 -23.09
CA ILE D 26 7.55 -7.49 -23.88
C ILE D 26 7.92 -8.50 -24.97
N LEU D 27 9.08 -8.33 -25.60
CA LEU D 27 9.49 -9.25 -26.65
C LEU D 27 9.85 -10.62 -26.10
N ASP D 28 10.41 -10.67 -24.89
CA ASP D 28 10.74 -11.95 -24.27
C ASP D 28 9.47 -12.70 -23.87
N LYS D 29 8.45 -11.97 -23.42
CA LYS D 29 7.27 -12.63 -22.86
C LYS D 29 6.31 -13.12 -23.93
N TYR D 30 6.16 -12.37 -25.02
CA TYR D 30 5.19 -12.72 -26.06
C TYR D 30 5.83 -13.13 -27.38
N GLY D 31 7.14 -12.94 -27.55
CA GLY D 31 7.83 -13.47 -28.71
C GLY D 31 7.30 -12.87 -30.00
N ASP D 32 6.99 -13.76 -30.96
CA ASP D 32 6.50 -13.35 -32.26
C ASP D 32 5.00 -13.16 -32.30
N ASP D 33 4.35 -13.10 -31.12
CA ASP D 33 2.98 -12.61 -31.05
C ASP D 33 2.90 -11.10 -31.05
N VAL D 34 4.02 -10.41 -30.84
CA VAL D 34 4.06 -8.95 -30.86
C VAL D 34 4.19 -8.47 -32.30
N LYS D 35 3.22 -7.67 -32.73
CA LYS D 35 3.30 -7.07 -34.06
C LYS D 35 4.03 -5.74 -34.06
N ALA D 36 3.80 -4.90 -33.04
CA ALA D 36 4.44 -3.59 -33.00
C ALA D 36 4.42 -3.08 -31.57
N ILE D 37 5.40 -2.23 -31.25
CA ILE D 37 5.48 -1.53 -29.98
C ILE D 37 5.80 -0.08 -30.26
N GLY D 38 5.03 0.83 -29.66
CA GLY D 38 5.22 2.25 -29.88
C GLY D 38 5.01 3.04 -28.60
N VAL D 39 5.58 4.24 -28.60
CA VAL D 39 5.43 5.19 -27.50
C VAL D 39 4.57 6.34 -27.98
N TYR D 40 3.56 6.70 -27.19
CA TYR D 40 2.74 7.85 -27.49
C TYR D 40 2.70 8.79 -26.30
N GLY D 41 1.84 9.80 -26.34
CA GLY D 41 1.87 10.82 -25.31
C GLY D 41 2.97 11.83 -25.58
N SER D 42 3.40 12.50 -24.50
CA SER D 42 4.41 13.54 -24.64
C SER D 42 5.78 12.97 -24.97
N LEU D 43 6.10 11.77 -24.46
CA LEU D 43 7.39 11.17 -24.77
C LEU D 43 7.48 10.79 -26.25
N GLY D 44 6.40 10.30 -26.84
CA GLY D 44 6.39 10.01 -28.25
C GLY D 44 6.50 11.24 -29.13
N ARG D 45 6.15 12.41 -28.61
CA ARG D 45 6.31 13.68 -29.30
C ARG D 45 7.64 14.34 -28.99
N GLN D 46 8.44 13.76 -28.09
CA GLN D 46 9.70 14.36 -27.64
C GLN D 46 9.47 15.74 -27.03
N THR D 47 8.36 15.88 -26.30
CA THR D 47 8.06 17.10 -25.55
C THR D 47 7.79 16.81 -24.09
N ASP D 48 8.27 15.68 -23.58
CA ASP D 48 8.03 15.31 -22.19
C ASP D 48 8.76 16.27 -21.25
N GLY D 49 8.09 16.64 -20.17
CA GLY D 49 8.69 17.52 -19.18
C GLY D 49 9.39 16.74 -18.09
N PRO D 50 9.92 17.46 -17.10
CA PRO D 50 10.63 16.77 -16.00
C PRO D 50 9.78 15.76 -15.25
N TYR D 51 8.49 16.00 -15.09
CA TYR D 51 7.61 15.13 -14.30
C TYR D 51 6.70 14.27 -15.15
N SER D 52 6.95 14.14 -16.44
CA SER D 52 6.07 13.38 -17.31
C SER D 52 6.19 11.88 -17.05
N ASP D 53 5.12 11.16 -17.36
CA ASP D 53 5.08 9.72 -17.21
C ASP D 53 5.35 9.06 -18.57
N ILE D 54 5.02 7.77 -18.68
CA ILE D 54 5.33 6.98 -19.88
C ILE D 54 4.08 6.23 -20.31
N GLU D 55 3.77 6.28 -21.60
CA GLU D 55 2.66 5.55 -22.19
C GLU D 55 3.17 4.78 -23.40
N MET D 56 2.88 3.49 -23.44
CA MET D 56 3.29 2.64 -24.55
C MET D 56 2.09 1.83 -25.04
N MET D 57 2.12 1.49 -26.34
CA MET D 57 1.08 0.67 -26.93
C MET D 57 1.72 -0.50 -27.68
N CYS D 58 1.08 -1.66 -27.62
N CYS D 58 1.08 -1.66 -27.60
CA CYS D 58 1.62 -2.88 -28.21
CA CYS D 58 1.60 -2.88 -28.21
C CYS D 58 0.54 -3.55 -29.05
C CYS D 58 0.51 -3.49 -29.07
N VAL D 59 0.85 -3.79 -30.32
CA VAL D 59 -0.05 -4.47 -31.25
C VAL D 59 0.26 -5.96 -31.20
N MET D 60 -0.75 -6.76 -30.87
CA MET D 60 -0.59 -8.21 -30.76
C MET D 60 -1.23 -8.89 -31.97
N SER D 61 -0.71 -10.08 -32.29
CA SER D 61 -1.33 -10.91 -33.31
C SER D 61 -2.43 -11.78 -32.74
N THR D 62 -2.38 -12.09 -31.45
CA THR D 62 -3.43 -12.82 -30.77
C THR D 62 -4.78 -12.11 -30.92
N GLU D 63 -5.71 -12.76 -31.61
CA GLU D 63 -7.01 -12.14 -31.86
C GLU D 63 -7.80 -12.00 -30.56
N GLU D 64 -8.61 -10.94 -30.50
CA GLU D 64 -9.49 -10.61 -29.38
C GLU D 64 -8.71 -10.26 -28.11
N ALA D 65 -7.41 -10.02 -28.23
CA ALA D 65 -6.60 -9.67 -27.06
C ALA D 65 -6.79 -8.19 -26.73
N GLU D 66 -7.08 -7.90 -25.47
CA GLU D 66 -7.26 -6.51 -25.03
C GLU D 66 -7.02 -6.46 -23.52
N PHE D 67 -5.86 -5.96 -23.13
CA PHE D 67 -5.53 -5.78 -21.72
C PHE D 67 -4.50 -4.67 -21.59
N SER D 68 -4.23 -4.27 -20.35
CA SER D 68 -3.35 -3.14 -20.09
C SER D 68 -2.66 -3.32 -18.74
N HIS D 69 -1.42 -2.85 -18.67
CA HIS D 69 -0.63 -2.84 -17.44
C HIS D 69 -0.25 -1.41 -17.10
N GLU D 70 -0.64 -0.96 -15.91
CA GLU D 70 -0.41 0.41 -15.47
C GLU D 70 0.02 0.35 -14.02
N TRP D 71 1.21 0.91 -13.72
CA TRP D 71 1.81 0.73 -12.40
C TRP D 71 2.71 1.91 -12.07
N THR D 72 3.14 1.95 -10.82
CA THR D 72 4.12 2.92 -10.35
C THR D 72 5.16 2.22 -9.48
N THR D 73 6.37 2.76 -9.48
CA THR D 73 7.43 2.31 -8.60
C THR D 73 7.60 3.22 -7.39
N GLY D 74 6.66 4.15 -7.18
CA GLY D 74 6.82 5.20 -6.20
C GLY D 74 7.53 6.43 -6.72
N GLU D 75 8.34 6.29 -7.76
CA GLU D 75 9.05 7.40 -8.37
C GLU D 75 8.56 7.76 -9.77
N TRP D 76 8.09 6.79 -10.55
CA TRP D 76 7.57 7.08 -11.88
C TRP D 76 6.42 6.14 -12.17
N LYS D 77 5.71 6.42 -13.26
CA LYS D 77 4.49 5.70 -13.62
C LYS D 77 4.55 5.33 -15.09
N VAL D 78 4.07 4.13 -15.41
CA VAL D 78 4.06 3.61 -16.77
C VAL D 78 2.68 3.02 -17.07
N GLU D 79 2.23 3.16 -18.31
CA GLU D 79 1.02 2.53 -18.80
C GLU D 79 1.30 1.90 -20.15
N VAL D 80 1.01 0.61 -20.27
CA VAL D 80 1.23 -0.15 -21.50
C VAL D 80 -0.09 -0.77 -21.93
N ASN D 81 -0.51 -0.48 -23.17
CA ASN D 81 -1.74 -1.02 -23.72
C ASN D 81 -1.42 -2.16 -24.69
N PHE D 82 -2.20 -3.23 -24.60
CA PHE D 82 -2.07 -4.40 -25.47
C PHE D 82 -3.38 -4.60 -26.19
N ASP D 83 -3.35 -4.55 -27.52
CA ASP D 83 -4.55 -4.72 -28.33
C ASP D 83 -4.24 -5.55 -29.55
N SER D 84 -5.22 -6.33 -30.00
CA SER D 84 -5.10 -6.98 -31.30
C SER D 84 -5.19 -5.92 -32.40
N GLU D 85 -4.69 -6.29 -33.58
CA GLU D 85 -4.69 -5.35 -34.70
C GLU D 85 -6.10 -4.93 -35.08
N GLU D 86 -7.07 -5.85 -35.02
CA GLU D 86 -8.43 -5.51 -35.42
C GLU D 86 -9.11 -4.66 -34.37
N ILE D 87 -8.89 -4.95 -33.08
CA ILE D 87 -9.50 -4.16 -32.02
C ILE D 87 -8.94 -2.74 -32.04
N LEU D 88 -7.62 -2.61 -32.24
CA LEU D 88 -7.01 -1.29 -32.24
C LEU D 88 -7.44 -0.48 -33.46
N LEU D 89 -7.49 -1.11 -34.63
CA LEU D 89 -7.93 -0.41 -35.83
C LEU D 89 -9.40 0.00 -35.72
N ASP D 90 -10.23 -0.85 -35.12
CA ASP D 90 -11.62 -0.49 -34.90
C ASP D 90 -11.75 0.74 -34.01
N TYR D 91 -11.05 0.73 -32.87
CA TYR D 91 -11.14 1.85 -31.94
C TYR D 91 -10.62 3.14 -32.56
N ALA D 92 -9.60 3.05 -33.41
CA ALA D 92 -9.06 4.23 -34.07
C ALA D 92 -10.00 4.82 -35.10
N SER D 93 -11.05 4.10 -35.50
CA SER D 93 -11.97 4.56 -36.52
C SER D 93 -13.35 4.88 -35.96
N GLN D 94 -13.54 4.82 -34.65
CA GLN D 94 -14.78 5.22 -34.03
C GLN D 94 -14.63 6.59 -33.36
N VAL D 95 -15.63 7.45 -33.56
CA VAL D 95 -15.59 8.82 -33.10
C VAL D 95 -16.60 9.00 -31.97
N GLU D 96 -16.10 9.21 -30.76
CA GLU D 96 -16.91 9.49 -29.59
C GLU D 96 -16.95 10.99 -29.32
N SER D 97 -17.63 11.37 -28.22
CA SER D 97 -17.72 12.77 -27.85
C SER D 97 -16.36 13.35 -27.48
N ASP D 98 -15.47 12.54 -26.91
CA ASP D 98 -14.14 12.99 -26.51
C ASP D 98 -13.05 12.58 -27.50
N TRP D 99 -13.43 12.30 -28.75
CA TRP D 99 -12.45 11.97 -29.79
C TRP D 99 -11.32 13.00 -29.91
N PRO D 100 -11.57 14.32 -29.90
CA PRO D 100 -10.44 15.26 -29.96
C PRO D 100 -9.47 15.13 -28.80
N LEU D 101 -9.90 14.56 -27.67
CA LEU D 101 -9.03 14.40 -26.51
C LEU D 101 -8.26 13.09 -26.51
N THR D 102 -8.83 12.02 -27.09
CA THR D 102 -8.26 10.69 -26.99
C THR D 102 -7.42 10.29 -28.20
N HIS D 103 -7.88 10.59 -29.41
CA HIS D 103 -7.29 10.00 -30.62
C HIS D 103 -6.05 10.71 -31.11
N GLY D 104 -5.58 11.76 -30.42
CA GLY D 104 -4.29 12.32 -30.76
C GLY D 104 -3.15 11.34 -30.56
N GLN D 105 -3.38 10.28 -29.79
CA GLN D 105 -2.37 9.27 -29.55
C GLN D 105 -1.95 8.53 -30.82
N PHE D 106 -2.78 8.56 -31.87
CA PHE D 106 -2.48 7.84 -33.09
C PHE D 106 -1.75 8.69 -34.12
N PHE D 107 -1.58 9.98 -33.88
CA PHE D 107 -0.97 10.89 -34.83
C PHE D 107 0.48 11.21 -34.49
N SER D 108 0.99 10.69 -33.38
CA SER D 108 2.35 10.99 -32.96
C SER D 108 2.96 9.77 -32.28
N ILE D 109 2.80 8.60 -32.89
CA ILE D 109 3.34 7.36 -32.33
C ILE D 109 4.83 7.32 -32.61
N LEU D 110 5.62 7.02 -31.58
CA LEU D 110 7.06 6.83 -31.74
C LEU D 110 7.33 5.36 -31.95
N PRO D 111 7.72 4.92 -33.14
CA PRO D 111 7.94 3.49 -33.35
C PRO D 111 9.17 3.02 -32.59
N ILE D 112 9.02 1.87 -31.95
CA ILE D 112 10.08 1.27 -31.14
C ILE D 112 10.31 -0.13 -31.68
N TYR D 113 9.23 -0.75 -32.14
CA TYR D 113 9.25 -2.06 -32.77
C TYR D 113 8.05 -2.13 -33.70
N ASP D 114 8.26 -2.68 -34.91
CA ASP D 114 7.19 -2.78 -35.89
C ASP D 114 7.62 -3.83 -36.90
N SER D 115 6.92 -4.97 -36.92
CA SER D 115 7.32 -6.06 -37.79
C SER D 115 6.83 -5.86 -39.22
N GLY D 116 5.66 -5.26 -39.41
CA GLY D 116 5.10 -5.12 -40.74
C GLY D 116 4.41 -3.80 -41.02
N GLY D 117 4.97 -2.70 -40.53
CA GLY D 117 4.39 -1.40 -40.80
C GLY D 117 3.02 -1.19 -40.18
N TYR D 118 2.74 -1.85 -39.05
CA TYR D 118 1.41 -1.76 -38.45
C TYR D 118 1.14 -0.38 -37.87
N LEU D 119 2.18 0.25 -37.30
CA LEU D 119 2.00 1.57 -36.71
C LEU D 119 1.60 2.62 -37.73
N GLU D 120 2.10 2.51 -38.97
CA GLU D 120 1.69 3.43 -40.02
C GLU D 120 0.26 3.16 -40.45
N LYS D 121 -0.14 1.88 -40.47
CA LYS D 121 -1.49 1.51 -40.85
C LYS D 121 -2.51 2.05 -39.85
N VAL D 122 -2.19 1.99 -38.56
CA VAL D 122 -3.05 2.57 -37.54
C VAL D 122 -3.17 4.08 -37.74
N TYR D 123 -2.05 4.73 -38.06
CA TYR D 123 -2.07 6.17 -38.32
C TYR D 123 -2.97 6.50 -39.51
N GLN D 124 -2.87 5.72 -40.59
CA GLN D 124 -3.72 5.96 -41.75
C GLN D 124 -5.19 5.70 -41.46
N THR D 125 -5.49 4.78 -40.53
CA THR D 125 -6.87 4.48 -40.20
C THR D 125 -7.52 5.63 -39.43
N ALA D 126 -6.86 6.10 -38.37
CA ALA D 126 -7.38 7.19 -37.57
C ALA D 126 -7.45 8.50 -38.35
N LYS D 127 -6.68 8.62 -39.42
CA LYS D 127 -6.56 9.84 -40.21
C LYS D 127 -7.47 9.85 -41.43
N SER D 128 -8.17 8.75 -41.72
CA SER D 128 -9.02 8.64 -42.89
C SER D 128 -10.48 8.37 -42.53
N VAL D 129 -10.91 8.79 -41.34
CA VAL D 129 -12.28 8.56 -40.90
C VAL D 129 -13.22 9.48 -41.67
N GLU D 130 -14.34 8.93 -42.14
CA GLU D 130 -15.25 9.67 -42.99
C GLU D 130 -16.00 10.74 -42.19
N ALA D 131 -16.46 11.77 -42.91
CA ALA D 131 -17.03 12.97 -42.29
C ALA D 131 -18.29 12.67 -41.49
N GLN D 132 -19.13 11.73 -41.96
CA GLN D 132 -20.41 11.47 -41.30
C GLN D 132 -20.23 11.05 -39.86
N LYS D 133 -19.14 10.36 -39.54
CA LYS D 133 -18.92 9.92 -38.17
C LYS D 133 -18.74 11.11 -37.23
N PHE D 134 -18.06 12.16 -37.70
CA PHE D 134 -17.93 13.38 -36.91
C PHE D 134 -19.26 14.12 -36.83
N HIS D 135 -20.05 14.08 -37.92
CA HIS D 135 -21.36 14.70 -37.92
C HIS D 135 -22.27 14.07 -36.88
N ASP D 136 -22.27 12.74 -36.79
CA ASP D 136 -23.11 12.06 -35.82
C ASP D 136 -22.60 12.29 -34.40
N ALA D 137 -21.28 12.35 -34.22
CA ALA D 137 -20.72 12.59 -32.89
C ALA D 137 -21.04 13.99 -32.39
N ILE D 138 -21.10 14.96 -33.31
CA ILE D 138 -21.46 16.32 -32.91
C ILE D 138 -22.91 16.38 -32.44
N CYS D 139 -23.82 15.73 -33.17
CA CYS D 139 -25.22 15.72 -32.77
C CYS D 139 -25.41 14.99 -31.44
N ALA D 140 -24.64 13.93 -31.20
CA ALA D 140 -24.73 13.23 -29.94
C ALA D 140 -24.17 14.06 -28.78
N LEU D 141 -23.09 14.79 -29.03
CA LEU D 141 -22.50 15.64 -28.00
C LEU D 141 -23.48 16.72 -27.54
N ILE D 142 -24.24 17.28 -28.47
CA ILE D 142 -25.18 18.35 -28.14
C ILE D 142 -26.25 17.84 -27.20
N VAL D 143 -26.78 16.65 -27.47
CA VAL D 143 -27.86 16.10 -26.65
C VAL D 143 -27.31 15.54 -25.34
N GLU D 144 -26.29 14.69 -25.42
CA GLU D 144 -25.84 13.94 -24.25
C GLU D 144 -25.05 14.78 -23.27
N GLU D 145 -24.36 15.83 -23.72
CA GLU D 145 -23.52 16.63 -22.84
C GLU D 145 -24.00 18.07 -22.70
N LEU D 146 -24.11 18.81 -23.81
CA LEU D 146 -24.39 20.24 -23.73
C LEU D 146 -25.80 20.49 -23.23
N PHE D 147 -26.80 19.83 -23.83
CA PHE D 147 -28.17 19.97 -23.35
C PHE D 147 -28.30 19.53 -21.90
N GLU D 148 -27.52 18.53 -21.48
CA GLU D 148 -27.54 18.08 -20.10
C GLU D 148 -27.03 19.17 -19.17
N TYR D 149 -25.89 19.78 -19.52
CA TYR D 149 -25.31 20.84 -18.69
C TYR D 149 -26.26 22.03 -18.59
N ALA D 150 -26.95 22.36 -19.69
CA ALA D 150 -27.86 23.50 -19.69
C ALA D 150 -28.94 23.36 -18.63
N GLY D 151 -29.49 22.15 -18.48
CA GLY D 151 -30.48 21.92 -17.44
C GLY D 151 -29.93 22.06 -16.04
N LYS D 152 -28.65 21.71 -15.85
CA LYS D 152 -28.08 21.77 -14.51
C LYS D 152 -27.77 23.20 -14.07
N TRP D 153 -27.26 24.05 -14.96
CA TRP D 153 -27.02 25.42 -14.54
C TRP D 153 -28.31 26.23 -14.49
N ARG D 154 -29.31 25.86 -15.30
CA ARG D 154 -30.63 26.48 -15.17
C ARG D 154 -31.31 26.07 -13.87
N ASN D 155 -31.09 24.82 -13.42
CA ASN D 155 -31.56 24.42 -12.10
C ASN D 155 -30.81 25.18 -11.00
N ILE D 156 -29.48 25.29 -11.15
CA ILE D 156 -28.67 25.98 -10.15
C ILE D 156 -29.12 27.43 -10.01
N ARG D 157 -29.51 28.05 -11.12
CA ARG D 157 -29.93 29.45 -11.08
C ARG D 157 -31.15 29.65 -10.21
N VAL D 158 -32.05 28.67 -10.16
CA VAL D 158 -33.29 28.82 -9.42
C VAL D 158 -33.29 28.09 -8.07
N GLN D 159 -32.43 27.09 -7.88
CA GLN D 159 -32.45 26.34 -6.63
C GLN D 159 -31.07 25.95 -6.11
N GLY D 160 -29.98 26.41 -6.75
CA GLY D 160 -28.66 26.05 -6.32
C GLY D 160 -28.33 24.60 -6.65
N PRO D 161 -27.17 24.11 -6.18
CA PRO D 161 -26.18 24.86 -5.39
C PRO D 161 -25.15 25.57 -6.25
N THR D 162 -24.82 26.82 -5.89
CA THR D 162 -23.81 27.57 -6.62
C THR D 162 -22.40 27.05 -6.39
N THR D 163 -22.18 26.22 -5.38
CA THR D 163 -20.86 25.63 -5.15
C THR D 163 -20.47 24.63 -6.23
N PHE D 164 -21.41 24.23 -7.08
CA PHE D 164 -21.11 23.37 -8.21
C PHE D 164 -20.84 24.15 -9.49
N LEU D 165 -21.25 25.43 -9.52
CA LEU D 165 -21.10 26.24 -10.73
C LEU D 165 -19.66 26.32 -11.24
N PRO D 166 -18.62 26.51 -10.42
CA PRO D 166 -17.26 26.51 -10.99
C PRO D 166 -16.88 25.19 -11.65
N SER D 167 -17.23 24.05 -11.03
CA SER D 167 -16.92 22.77 -11.66
C SER D 167 -17.69 22.57 -12.95
N LEU D 168 -18.98 22.94 -12.95
CA LEU D 168 -19.80 22.79 -14.14
C LEU D 168 -19.28 23.63 -15.30
N THR D 169 -18.83 24.86 -15.01
CA THR D 169 -18.34 25.73 -16.07
C THR D 169 -17.09 25.16 -16.74
N VAL D 170 -16.21 24.53 -15.96
CA VAL D 170 -15.03 23.88 -16.53
C VAL D 170 -15.45 22.75 -17.45
N GLN D 171 -16.48 21.99 -17.05
CA GLN D 171 -16.94 20.87 -17.87
C GLN D 171 -17.60 21.36 -19.16
N VAL D 172 -18.35 22.46 -19.08
CA VAL D 172 -18.99 23.00 -20.28
C VAL D 172 -17.95 23.52 -21.27
N ALA D 173 -16.93 24.22 -20.77
CA ALA D 173 -15.88 24.71 -21.65
C ALA D 173 -15.13 23.56 -22.30
N MET D 174 -14.96 22.45 -21.58
CA MET D 174 -14.27 21.30 -22.15
C MET D 174 -15.13 20.63 -23.21
N ALA D 175 -16.44 20.57 -22.98
CA ALA D 175 -17.34 20.00 -23.98
C ALA D 175 -17.41 20.86 -25.23
N GLY D 176 -17.30 22.19 -25.07
CA GLY D 176 -17.27 23.05 -26.23
C GLY D 176 -16.01 22.84 -27.07
N ALA D 177 -14.89 22.55 -26.40
CA ALA D 177 -13.66 22.23 -27.12
C ALA D 177 -13.80 20.94 -27.90
N MET D 178 -14.57 19.97 -27.36
CA MET D 178 -14.83 18.74 -28.11
C MET D 178 -15.67 19.03 -29.35
N LEU D 179 -16.66 19.92 -29.24
CA LEU D 179 -17.47 20.28 -30.39
C LEU D 179 -16.62 20.90 -31.50
N ILE D 180 -15.78 21.88 -31.14
CA ILE D 180 -14.91 22.52 -32.10
C ILE D 180 -13.92 21.52 -32.68
N GLY D 181 -13.39 20.64 -31.83
CA GLY D 181 -12.45 19.63 -32.31
C GLY D 181 -13.07 18.66 -33.28
N LEU D 182 -14.32 18.25 -33.04
CA LEU D 182 -15.01 17.35 -33.96
C LEU D 182 -15.31 18.03 -35.28
N HIS D 183 -15.66 19.33 -35.23
CA HIS D 183 -15.99 20.05 -36.46
C HIS D 183 -14.77 20.16 -37.37
N HIS D 184 -13.62 20.54 -36.82
CA HIS D 184 -12.42 20.78 -37.60
C HIS D 184 -11.54 19.53 -37.73
N ARG D 185 -11.98 18.39 -37.20
CA ARG D 185 -11.20 17.16 -37.23
C ARG D 185 -9.81 17.38 -36.60
N ILE D 186 -9.81 18.00 -35.42
CA ILE D 186 -8.60 18.34 -34.69
C ILE D 186 -8.48 17.42 -33.49
N CYS D 187 -7.28 16.87 -33.29
CA CYS D 187 -6.94 16.20 -32.05
C CYS D 187 -6.01 17.13 -31.26
N TYR D 188 -6.43 17.50 -30.06
CA TYR D 188 -5.63 18.40 -29.24
C TYR D 188 -4.36 17.69 -28.79
N THR D 189 -3.28 18.47 -28.66
CA THR D 189 -1.97 17.91 -28.37
C THR D 189 -1.97 17.15 -27.05
N THR D 190 -2.46 17.79 -25.98
CA THR D 190 -2.53 17.17 -24.68
C THR D 190 -3.67 17.82 -23.91
N SER D 191 -4.03 17.19 -22.78
CA SER D 191 -5.15 17.69 -22.00
C SER D 191 -4.91 19.10 -21.48
N ALA D 192 -3.65 19.45 -21.20
CA ALA D 192 -3.33 20.76 -20.65
C ALA D 192 -3.48 21.88 -21.68
N SER D 193 -3.53 21.56 -22.97
CA SER D 193 -3.60 22.56 -24.02
C SER D 193 -4.93 22.54 -24.77
N VAL D 194 -5.92 21.81 -24.27
CA VAL D 194 -7.19 21.70 -24.98
C VAL D 194 -7.85 23.06 -25.13
N LEU D 195 -8.00 23.80 -24.03
CA LEU D 195 -8.66 25.10 -24.09
C LEU D 195 -7.81 26.11 -24.86
N THR D 196 -6.49 26.08 -24.67
CA THR D 196 -5.61 27.02 -25.36
C THR D 196 -5.71 26.84 -26.88
N GLU D 197 -5.80 25.59 -27.34
CA GLU D 197 -5.90 25.33 -28.77
C GLU D 197 -7.32 25.52 -29.30
N ALA D 198 -8.33 25.31 -28.46
CA ALA D 198 -9.72 25.42 -28.92
C ALA D 198 -10.09 26.85 -29.30
N VAL D 199 -9.72 27.82 -28.46
CA VAL D 199 -10.09 29.21 -28.71
C VAL D 199 -9.33 29.84 -29.87
N LYS D 200 -8.24 29.21 -30.33
CA LYS D 200 -7.50 29.72 -31.47
C LYS D 200 -8.08 29.26 -32.81
N GLN D 201 -9.11 28.42 -32.79
CA GLN D 201 -9.67 27.94 -34.03
C GLN D 201 -10.65 28.96 -34.61
N SER D 202 -10.96 28.77 -35.89
CA SER D 202 -11.95 29.60 -36.56
C SER D 202 -13.33 28.98 -36.40
N ASP D 203 -14.36 29.79 -36.69
CA ASP D 203 -15.75 29.34 -36.69
C ASP D 203 -16.20 28.89 -35.30
N LEU D 204 -15.81 29.64 -34.27
CA LEU D 204 -16.24 29.30 -32.93
C LEU D 204 -17.69 29.73 -32.72
N PRO D 205 -18.46 28.96 -31.95
CA PRO D 205 -19.79 29.44 -31.55
C PRO D 205 -19.66 30.69 -30.71
N SER D 206 -20.65 31.58 -30.84
CA SER D 206 -20.59 32.85 -30.13
C SER D 206 -20.62 32.62 -28.63
N GLY D 207 -19.74 33.34 -27.92
CA GLY D 207 -19.67 33.26 -26.48
C GLY D 207 -18.74 32.21 -25.92
N TYR D 208 -18.16 31.35 -26.77
CA TYR D 208 -17.29 30.31 -26.25
C TYR D 208 -15.96 30.89 -25.77
N ASP D 209 -15.40 31.84 -26.51
CA ASP D 209 -14.12 32.43 -26.10
C ASP D 209 -14.28 33.20 -24.79
N HIS D 210 -15.42 33.87 -24.60
CA HIS D 210 -15.66 34.59 -23.36
C HIS D 210 -15.79 33.64 -22.18
N LEU D 211 -16.53 32.55 -22.36
CA LEU D 211 -16.64 31.55 -21.30
C LEU D 211 -15.29 30.92 -20.98
N CYS D 212 -14.47 30.69 -21.99
CA CYS D 212 -13.17 30.07 -21.78
C CYS D 212 -12.26 30.94 -20.93
N GLN D 213 -12.41 32.26 -21.00
CA GLN D 213 -11.52 33.15 -20.26
C GLN D 213 -11.68 32.94 -18.75
N PHE D 214 -12.92 32.74 -18.28
CA PHE D 214 -13.13 32.44 -16.87
C PHE D 214 -12.41 31.16 -16.45
N VAL D 215 -12.47 30.13 -17.30
CA VAL D 215 -11.89 28.84 -16.92
C VAL D 215 -10.37 28.89 -17.02
N MET D 216 -9.83 29.54 -18.04
CA MET D 216 -8.38 29.63 -18.19
C MET D 216 -7.76 30.55 -17.16
N SER D 217 -8.45 31.61 -16.76
CA SER D 217 -7.92 32.54 -15.78
C SER D 217 -8.24 32.14 -14.34
N GLY D 218 -9.20 31.24 -14.15
CA GLY D 218 -9.57 30.82 -12.81
C GLY D 218 -10.48 31.76 -12.06
N GLN D 219 -11.11 32.71 -12.75
CA GLN D 219 -12.03 33.66 -12.13
C GLN D 219 -13.45 33.09 -12.24
N LEU D 220 -13.75 32.15 -11.34
CA LEU D 220 -15.02 31.44 -11.34
C LEU D 220 -15.80 31.70 -10.04
N SER D 221 -15.59 32.86 -9.43
CA SER D 221 -16.23 33.19 -8.16
C SER D 221 -17.50 34.03 -8.32
N ASP D 222 -17.67 34.69 -9.45
CA ASP D 222 -18.86 35.50 -9.71
C ASP D 222 -19.90 34.59 -10.35
N SER D 223 -20.82 34.07 -9.53
CA SER D 223 -21.79 33.09 -10.03
C SER D 223 -22.71 33.69 -11.08
N GLU D 224 -23.12 34.95 -10.90
CA GLU D 224 -24.08 35.53 -11.83
C GLU D 224 -23.44 35.82 -13.18
N LYS D 225 -22.16 36.16 -13.21
CA LYS D 225 -21.46 36.33 -14.48
C LYS D 225 -21.34 34.99 -15.21
N LEU D 226 -21.07 33.92 -14.47
CA LEU D 226 -20.91 32.61 -15.10
C LEU D 226 -22.21 32.15 -15.74
N LEU D 227 -23.34 32.34 -15.06
CA LEU D 227 -24.62 31.91 -15.61
C LEU D 227 -24.98 32.67 -16.88
N GLU D 228 -24.65 33.97 -16.93
CA GLU D 228 -24.87 34.73 -18.15
C GLU D 228 -23.94 34.28 -19.26
N SER D 229 -22.70 33.92 -18.92
CA SER D 229 -21.77 33.45 -19.93
C SER D 229 -22.18 32.08 -20.45
N LEU D 230 -22.72 31.23 -19.57
CA LEU D 230 -23.20 29.92 -20.01
C LEU D 230 -24.42 30.06 -20.92
N GLU D 231 -25.35 30.94 -20.56
CA GLU D 231 -26.55 31.12 -21.37
C GLU D 231 -26.23 31.72 -22.74
N ASN D 232 -25.25 32.64 -22.80
CA ASN D 232 -24.85 33.20 -24.09
C ASN D 232 -24.17 32.14 -24.95
N PHE D 233 -23.33 31.30 -24.34
CA PHE D 233 -22.68 30.23 -25.08
C PHE D 233 -23.70 29.19 -25.55
N TRP D 234 -24.73 28.93 -24.75
CA TRP D 234 -25.77 27.99 -25.16
C TRP D 234 -26.58 28.54 -26.33
N ASN D 235 -26.89 29.84 -26.31
CA ASN D 235 -27.56 30.45 -27.45
C ASN D 235 -26.67 30.41 -28.69
N GLY D 236 -25.37 30.64 -28.51
CA GLY D 236 -24.45 30.51 -29.62
C GLY D 236 -24.34 29.11 -30.18
N ILE D 237 -24.66 28.10 -29.37
CA ILE D 237 -24.66 26.73 -29.86
C ILE D 237 -25.83 26.49 -30.81
N GLN D 238 -27.02 26.99 -30.45
CA GLN D 238 -28.19 26.77 -31.28
C GLN D 238 -28.04 27.46 -32.64
N GLU D 239 -27.51 28.68 -32.64
CA GLU D 239 -27.26 29.39 -33.89
C GLU D 239 -26.14 28.72 -34.68
N TRP D 240 -25.13 28.19 -33.99
CA TRP D 240 -24.00 27.58 -34.67
C TRP D 240 -24.42 26.32 -35.41
N THR D 241 -25.20 25.46 -34.75
CA THR D 241 -25.63 24.22 -35.37
C THR D 241 -26.63 24.48 -36.49
N GLU D 242 -27.51 25.47 -36.32
CA GLU D 242 -28.45 25.84 -37.37
C GLU D 242 -27.74 26.35 -38.60
N ARG D 243 -26.77 27.25 -38.41
CA ARG D 243 -26.02 27.73 -39.56
C ARG D 243 -25.25 26.58 -40.21
N HIS D 244 -24.95 25.54 -39.42
CA HIS D 244 -24.20 24.36 -39.84
C HIS D 244 -25.07 23.16 -40.12
N GLY D 245 -26.39 23.30 -40.06
CA GLY D 245 -27.24 22.23 -40.49
C GLY D 245 -27.30 21.07 -39.54
N TYR D 246 -26.43 21.04 -38.54
CA TYR D 246 -26.42 19.93 -37.61
C TYR D 246 -27.74 19.96 -36.86
N ILE D 247 -28.75 19.34 -37.46
CA ILE D 247 -30.09 19.33 -36.90
C ILE D 247 -30.23 18.08 -36.05
N VAL D 248 -30.52 18.29 -34.77
CA VAL D 248 -30.83 17.20 -33.86
C VAL D 248 -32.31 16.92 -34.01
N ASP D 249 -32.65 15.67 -34.31
CA ASP D 249 -34.03 15.33 -34.62
C ASP D 249 -34.90 15.48 -33.39
N VAL D 250 -35.93 16.32 -33.51
CA VAL D 250 -36.88 16.61 -32.45
C VAL D 250 -38.30 16.28 -32.86
N SER D 251 -38.48 15.67 -34.03
CA SER D 251 -39.82 15.50 -34.58
C SER D 251 -40.61 14.47 -33.80
N LYS D 252 -39.96 13.40 -33.35
CA LYS D 252 -40.65 12.32 -32.66
C LYS D 252 -40.58 12.50 -31.15
N ARG D 253 -41.69 12.17 -30.48
CA ARG D 253 -41.80 12.27 -29.04
C ARG D 253 -41.25 11.04 -28.34
N ILE D 254 -41.36 9.86 -28.94
CA ILE D 254 -40.67 8.65 -28.47
C ILE D 254 -40.04 7.96 -29.67
N PRO D 255 -38.72 8.07 -29.89
CA PRO D 255 -38.14 7.68 -31.19
C PRO D 255 -37.77 6.20 -31.32
N PHE D 256 -38.56 5.33 -30.72
CA PHE D 256 -38.40 3.90 -30.94
C PHE D 256 -39.75 3.17 -30.87
C1 NMY E . -24.44 8.16 -17.98
O1 NMY E . -25.07 7.97 -19.24
C2 NMY E . -25.46 7.93 -16.92
N2 NMY E . -26.24 6.64 -17.23
C3 NMY E . -26.40 9.04 -16.82
O3 NMY E . -27.39 8.74 -15.76
C4 NMY E . -25.69 10.30 -16.50
O4 NMY E . -26.62 11.35 -16.31
C5 NMY E . -24.71 10.69 -17.65
O5 NMY E . -23.78 9.49 -17.91
C6 NMY E . -23.92 11.82 -17.28
C7 NMY E . -23.66 7.71 -23.22
N7 NMY E . -22.86 7.91 -24.43
C12 NMY E . -22.78 7.06 -22.14
C11 NMY E . -23.52 6.91 -20.80
O11 NMY E . -22.59 6.44 -19.82
C10 NMY E . -24.17 8.23 -20.33
C9 NMY E . -24.99 8.90 -21.43
N9 NMY E . -25.41 10.22 -20.97
C8 NMY E . -24.22 9.05 -22.75
C13 NMY E . -22.88 5.13 -19.52
C14 NMY E . -21.84 4.51 -18.97
C15 NMY E . -22.51 3.28 -18.30
C16 NMY E . -23.87 3.90 -17.73
O16 NMY E . -24.05 5.03 -18.36
C17 NMY E . -23.75 4.13 -16.22
C21 NMY E . -24.25 -1.47 -18.83
C20 NMY E . -22.92 -1.31 -19.46
C19 NMY E . -22.58 0.08 -19.80
C18 NMY E . -22.81 1.06 -18.69
O18 NMY E . -22.77 2.35 -19.23
C22 NMY E . -24.38 -0.59 -17.56
O22 NMY E . -24.11 0.87 -18.00
C23 NMY E . -25.68 -0.69 -17.03
N6 NMY E . -22.84 12.02 -18.28
O14 NMY E . -20.87 4.07 -20.01
O20 NMY E . -21.90 -1.83 -18.54
O21 NMY E . -25.25 -1.07 -19.76
O17 NMY E . -24.91 4.80 -15.74
O12 NMY E . -22.35 5.80 -22.60
N19 NMY E . -26.48 0.43 -17.51
N23 NMY E . -23.43 0.51 -21.01
P AMP F . -27.02 12.36 -15.19
O1P AMP F . -25.67 13.19 -14.94
O2P AMP F . -28.18 13.34 -15.23
O5' AMP F . -27.15 11.51 -13.83
C5' AMP F . -28.38 10.85 -13.49
C4' AMP F . -28.08 9.86 -12.37
O4' AMP F . -27.07 8.95 -12.79
C3' AMP F . -27.58 10.55 -11.11
O3' AMP F . -28.63 10.62 -10.13
C2' AMP F . -26.45 9.68 -10.62
O2' AMP F . -26.92 8.79 -9.59
C1' AMP F . -26.01 8.89 -11.82
N9 AMP F . -24.82 9.53 -12.45
C8 AMP F . -24.42 10.80 -12.27
N7 AMP F . -23.30 11.07 -12.98
C5 AMP F . -22.96 9.94 -13.64
C6 AMP F . -21.87 9.53 -14.56
N6 AMP F . -20.91 10.40 -14.95
N1 AMP F . -21.89 8.26 -15.01
C2 AMP F . -22.84 7.39 -14.65
N3 AMP F . -23.85 7.69 -13.81
C4 AMP F . -23.96 8.93 -13.28
O11 PPV G . -28.45 14.21 -12.31
P1 PPV G . -29.66 14.08 -11.42
O21 PPV G . -30.72 13.26 -12.12
O31 PPV G . -29.26 13.40 -10.14
OPP PPV G . -30.25 15.58 -11.07
P2 PPV G . -31.06 16.54 -12.15
O12 PPV G . -30.14 17.62 -12.64
O22 PPV G . -32.24 17.17 -11.45
O32 PPV G . -31.54 15.71 -13.33
MG MG H . -29.40 13.10 -17.37
MG MG I . -31.68 13.69 -14.23
C1 NMY J . -23.79 -2.85 -28.73
O1 NMY J . -23.88 -3.84 -27.72
C2 NMY J . -23.13 -1.66 -28.14
N2 NMY J . -22.14 -2.16 -27.06
C3 NMY J . -24.08 -0.79 -27.50
O3 NMY J . -23.34 0.29 -26.79
C4 NMY J . -24.99 -0.16 -28.48
O4 NMY J . -26.01 0.53 -27.77
C5 NMY J . -25.68 -1.18 -29.45
O5 NMY J . -25.15 -2.61 -29.28
C6 NMY J . -25.51 -0.74 -30.81
C7 NMY J . -24.63 -7.97 -27.83
N7 NMY J . -24.85 -9.35 -28.25
C12 NMY J . -23.25 -7.52 -28.32
C11 NMY J . -22.94 -6.04 -27.98
O11 NMY J . -21.83 -5.56 -28.75
C10 NMY J . -24.13 -5.11 -28.31
C9 NMY J . -25.48 -5.63 -27.82
N9 NMY J . -26.55 -4.74 -28.31
C8 NMY J . -25.75 -7.05 -28.32
C13 NMY J . -20.61 -5.91 -28.22
C14 NMY J . -19.89 -6.52 -29.16
C15 NMY J . -19.45 -5.34 -30.05
C16 NMY J . -19.23 -4.16 -29.00
O16 NMY J . -19.70 -4.58 -27.86
C17 NMY J . -19.98 -2.88 -29.40
C21 NMY J . -15.62 -4.42 -32.86
C20 NMY J . -16.19 -5.79 -32.87
C19 NMY J . -17.65 -5.76 -33.04
C18 NMY J . -18.33 -4.96 -31.98
O18 NMY J . -18.34 -5.65 -30.74
C22 NMY J . -16.20 -3.55 -31.72
O22 NMY J . -17.75 -3.61 -31.78
C23 NMY J . -15.71 -4.01 -30.46
N6 NMY J . -26.83 -0.35 -31.37
O14 NMY J . -18.71 -7.18 -28.55
O20 NMY J . -15.60 -6.55 -33.98
O21 NMY J . -14.20 -4.49 -32.73
O17 NMY J . -19.69 -2.47 -30.73
O12 NMY J . -22.31 -8.37 -27.69
N19 NMY J . -15.39 -2.87 -29.62
N23 NMY J . -18.20 -7.19 -33.05
P AMP K . -26.29 1.94 -28.35
O1P AMP K . -27.74 2.32 -28.12
O2P AMP K . -25.89 2.36 -29.85
O5' AMP K . -25.37 2.91 -27.44
C5' AMP K . -25.41 4.33 -27.56
C4' AMP K . -24.52 4.91 -26.45
O4' AMP K . -25.12 4.63 -25.19
C3' AMP K . -23.15 4.26 -26.47
O3' AMP K . -22.15 5.28 -26.35
C2' AMP K . -23.11 3.36 -25.24
O2' AMP K . -21.86 3.51 -24.56
C1' AMP K . -24.28 3.81 -24.38
N9 AMP K . -25.08 2.65 -23.90
C8 AMP K . -25.40 1.56 -24.63
N7 AMP K . -26.14 0.68 -23.90
C5 AMP K . -26.31 1.22 -22.68
C6 AMP K . -26.99 0.83 -21.43
N6 AMP K . -27.66 -0.34 -21.33
N1 AMP K . -26.92 1.68 -20.38
C2 AMP K . -26.25 2.86 -20.46
N3 AMP K . -25.61 3.27 -21.56
C4 AMP K . -25.61 2.52 -22.69
C1 NMY L . 5.36 -8.09 19.41
O1 NMY L . 5.02 -6.96 18.60
C2 NMY L . 4.15 -8.48 20.18
N2 NMY L . 2.92 -8.35 19.26
C3 NMY L . 3.95 -7.66 21.36
O3 NMY L . 2.72 -8.09 22.06
C4 NMY L . 5.12 -7.79 22.26
O4 NMY L . 4.84 -7.19 23.52
C5 NMY L . 6.34 -7.11 21.59
O5 NMY L . 6.57 -7.80 20.23
C6 NMY L . 7.51 -7.27 22.41
C7 NMY L . 6.96 -4.67 15.62
N7 NMY L . 8.01 -4.03 14.83
C12 NMY L . 7.16 -6.20 15.55
C11 NMY L . 6.15 -6.94 16.44
O11 NMY L . 6.44 -8.34 16.38
C10 NMY L . 6.14 -6.43 17.89
C9 NMY L . 6.01 -4.90 17.94
N9 NMY L . 6.15 -4.45 19.33
C8 NMY L . 7.04 -4.18 17.06
C13 NMY L . 5.46 -8.97 15.65
C14 NMY L . 5.91 -10.07 15.04
C15 NMY L . 4.61 -10.86 14.76
C16 NMY L . 3.61 -10.39 15.92
O16 NMY L . 4.26 -9.51 16.63
C17 NMY L . 3.19 -11.59 16.79
C21 NMY L . 0.85 -12.05 11.51
C20 NMY L . 2.17 -12.11 10.82
C19 NMY L . 3.22 -11.33 11.51
C18 NMY L . 3.33 -11.58 12.98
O18 NMY L . 4.12 -10.54 13.55
C22 NMY L . 0.96 -12.53 12.99
O22 NMY L . 2.03 -11.63 13.66
C23 NMY L . -0.26 -12.36 13.64
N6 NMY L . 8.62 -6.46 21.85
O14 NMY L . 6.59 -9.74 13.77
O20 NMY L . 2.59 -13.51 10.72
O21 NMY L . 0.38 -10.71 11.50
O17 NMY L . 2.39 -11.11 17.87
O12 NMY L . 6.99 -6.60 14.21
N19 NMY L . -0.33 -11.02 14.20
N23 NMY L . 2.93 -9.84 11.29
P AMP M . 4.84 -7.52 25.05
O1P AMP M . 6.38 -7.82 25.35
O2P AMP M . 4.31 -6.71 26.22
O5' AMP M . 4.16 -8.98 25.13
C5' AMP M . 2.75 -9.11 25.24
C4' AMP M . 2.33 -10.55 24.96
O4' AMP M . 2.80 -10.93 23.66
C3' AMP M . 2.93 -11.53 25.95
O3' AMP M . 1.94 -11.93 26.91
C2' AMP M . 3.38 -12.70 25.12
O2' AMP M . 2.37 -13.73 25.14
C1' AMP M . 3.53 -12.16 23.72
N9 AMP M . 4.95 -11.84 23.45
C8 AMP M . 5.90 -11.61 24.38
N7 AMP M . 7.10 -11.33 23.81
C5 AMP M . 6.92 -11.38 22.47
C6 AMP M . 7.78 -11.19 21.28
N6 AMP M . 9.10 -10.88 21.41
N1 AMP M . 7.20 -11.32 20.07
C2 AMP M . 5.90 -11.63 19.93
N3 AMP M . 5.06 -11.82 20.97
C4 AMP M . 5.51 -11.72 22.24
O11 PPV N . 2.28 -10.11 29.09
P1 PPV N . 3.00 -8.77 29.12
O21 PPV N . 2.21 -7.78 28.29
O31 PPV N . 4.38 -8.93 28.52
OPP PPV N . 3.13 -8.25 30.68
P2 PPV N . 3.31 -6.69 31.15
O12 PPV N . 2.91 -5.75 30.03
O22 PPV N . 4.75 -6.43 31.53
O32 PPV N . 2.42 -6.42 32.34
MG MG O . 3.62 -4.62 24.75
MG MG P . 1.70 -5.76 27.61
C1 NMY Q . 20.32 -14.22 10.23
O1 NMY Q . 20.00 -15.52 9.75
C2 NMY Q . 21.53 -13.77 9.51
N2 NMY Q . 21.34 -14.06 8.00
C3 NMY Q . 22.72 -14.47 9.97
O3 NMY Q . 23.88 -13.98 9.20
C4 NMY Q . 22.95 -14.25 11.42
O4 NMY Q . 24.14 -14.91 11.81
C5 NMY Q . 21.76 -14.79 12.27
O5 NMY Q . 20.45 -14.21 11.71
C6 NMY Q . 21.92 -14.39 13.63
C7 NMY Q . 16.70 -18.15 10.15
N7 NMY Q . 15.57 -18.84 10.75
C12 NMY Q . 16.38 -16.65 10.05
C11 NMY Q . 17.58 -15.80 9.59
O11 NMY Q . 17.24 -14.42 9.70
C10 NMY Q . 18.87 -16.10 10.38
C9 NMY Q . 19.15 -17.61 10.44
N9 NMY Q . 20.32 -17.85 11.28
C8 NMY Q . 17.95 -18.40 10.99
C13 NMY Q . 17.00 -13.90 8.45
C14 NMY Q . 16.30 -12.76 8.52
C15 NMY Q . 16.61 -12.09 7.16
C16 NMY Q . 18.15 -12.46 6.93
O16 NMY Q . 18.42 -13.45 7.73
C17 NMY Q . 19.03 -11.25 7.26
C21 NMY Q . 15.36 -11.58 2.25
C20 NMY Q . 14.16 -11.50 3.12
C19 NMY Q . 14.35 -12.09 4.46
C18 NMY Q . 15.63 -11.72 5.14
O18 NMY Q . 15.84 -12.63 6.20
C22 NMY Q . 16.59 -10.94 2.94
O22 NMY Q . 16.81 -11.76 4.24
C23 NMY Q . 17.73 -11.01 2.12
N6 NMY Q . 21.19 -15.33 14.51
O14 NMY Q . 14.85 -13.05 8.64
O20 NMY Q . 13.80 -10.08 3.26
O21 NMY Q . 15.65 -12.96 1.99
O17 NMY Q . 20.41 -11.64 7.22
O12 NMY Q . 15.31 -16.48 9.14
N19 NMY Q . 18.49 -12.22 2.43
N23 NMY Q . 14.28 -13.62 4.33
P AMP R . 25.38 -14.32 12.57
O1P AMP R . 26.52 -15.29 12.70
O2P AMP R . 25.07 -13.71 14.03
O5' AMP R . 25.88 -13.03 11.76
C5' AMP R . 26.65 -13.14 10.56
C4' AMP R . 26.66 -11.78 9.89
O4' AMP R . 25.30 -11.38 9.67
C3' AMP R . 27.31 -10.71 10.75
O3' AMP R . 28.62 -10.41 10.24
C2' AMP R . 26.42 -9.51 10.62
O2' AMP R . 26.91 -8.61 9.63
C1' AMP R . 25.07 -10.07 10.18
N9 AMP R . 24.18 -10.22 11.36
C8 AMP R . 24.56 -10.28 12.66
N7 AMP R . 23.50 -10.43 13.49
C5 AMP R . 22.40 -10.49 12.71
C6 AMP R . 20.94 -10.63 12.94
N6 AMP R . 20.43 -10.76 14.18
N1 AMP R . 20.13 -10.64 11.85
C2 AMP R . 20.62 -10.51 10.60
N3 AMP R . 21.93 -10.37 10.32
C4 AMP R . 22.85 -10.34 11.32
O11 PPV S . 30.08 -11.52 12.27
P1 PPV S . 30.18 -13.01 12.53
O21 PPV S . 30.20 -13.75 11.22
O31 PPV S . 29.00 -13.46 13.36
OPP PPV S . 31.57 -13.32 13.37
P2 PPV S . 31.99 -14.81 13.91
O12 PPV S . 31.16 -15.85 13.21
O22 PPV S . 31.74 -14.88 15.40
O32 PPV S . 33.45 -15.05 13.64
MG MG T . 29.97 -16.09 11.01
MG MG U . 26.43 -17.43 11.71
C1 NMY V . 8.97 -19.07 1.03
O1 NMY V . 9.10 -17.88 0.27
C2 NMY V . 9.41 -18.74 2.40
N2 NMY V . 9.06 -17.27 2.71
C3 NMY V . 10.85 -18.91 2.52
O3 NMY V . 11.30 -18.37 3.83
C4 NMY V . 11.21 -20.35 2.44
O4 NMY V . 12.63 -20.47 2.43
C5 NMY V . 10.64 -21.06 1.17
O5 NMY V . 9.73 -20.14 0.34
C6 NMY V . 9.93 -22.26 1.55
C7 NMY V . 8.08 -17.24 -3.82
N7 NMY V . 7.51 -17.57 -5.11
C12 NMY V . 6.96 -17.15 -2.77
C11 NMY V . 7.49 -17.05 -1.33
O11 NMY V . 6.43 -17.30 -0.40
C10 NMY V . 8.57 -18.10 -1.04
C9 NMY V . 9.71 -18.08 -2.07
N9 NMY V . 10.64 -19.16 -1.78
C8 NMY V . 9.15 -18.29 -3.49
C13 NMY V . 5.85 -16.14 0.06
C14 NMY V . 4.52 -16.26 -0.05
C15 NMY V . 4.19 -17.13 1.17
C16 NMY V . 5.08 -16.44 2.31
O16 NMY V . 6.12 -15.95 1.67
C17 NMY V . 5.53 -17.48 3.35
C21 NMY V . 0.03 -19.51 2.68
C20 NMY V . -0.17 -18.66 1.47
C19 NMY V . 1.03 -18.36 0.66
C18 NMY V . 2.38 -18.41 1.31
O18 NMY V . 2.89 -17.10 1.47
C22 NMY V . 1.26 -19.09 3.54
O22 NMY V . 2.50 -19.13 2.61
C23 NMY V . 1.08 -17.81 4.11
N6 NMY V . 10.79 -23.44 1.24
O14 NMY V . 3.88 -14.93 0.06
O20 NMY V . -1.13 -19.37 0.61
O21 NMY V . -1.13 -19.42 3.50
O17 NMY V . 5.68 -18.75 2.72
O12 NMY V . 6.19 -16.02 -3.07
N19 NMY V . 1.87 -17.70 5.33
N23 NMY V . 0.84 -16.94 0.12
P AMP W . 12.99 -21.58 3.46
O1P AMP W . 11.99 -22.67 4.10
O2P AMP W . 14.19 -22.29 2.91
O5' AMP W . 13.44 -20.72 4.74
C5' AMP W . 13.79 -21.34 5.98
C4' AMP W . 14.07 -20.24 7.00
O4' AMP W . 15.11 -19.40 6.50
C3' AMP W . 12.84 -19.37 7.21
O3' AMP W . 12.65 -19.13 8.61
C2' AMP W . 13.14 -18.05 6.51
O2' AMP W . 12.74 -16.95 7.32
C1' AMP W . 14.65 -18.06 6.31
N9 AMP W . 15.01 -17.63 4.94
C8 AMP W . 14.42 -18.02 3.80
N7 AMP W . 14.99 -17.44 2.72
C5 AMP W . 15.98 -16.64 3.16
C6 AMP W . 16.97 -15.74 2.55
N6 AMP W . 17.04 -15.56 1.21
N1 AMP W . 17.82 -15.09 3.38
C2 AMP W . 17.78 -15.25 4.71
N3 AMP W . 16.89 -16.06 5.33
C4 AMP W . 15.99 -16.77 4.62
C1 NMY X . -6.23 6.67 -20.77
O1 NMY X . -5.91 5.46 -20.07
C2 NMY X . -5.12 6.96 -21.71
N2 NMY X . -4.68 5.64 -22.37
C3 NMY X . -3.96 7.56 -21.06
O3 NMY X . -2.94 7.85 -22.10
C4 NMY X . -4.34 8.82 -20.38
O4 NMY X . -3.16 9.45 -19.85
C5 NMY X . -5.34 8.53 -19.23
O5 NMY X . -6.54 7.76 -19.81
C6 NMY X . -5.79 9.77 -18.66
C7 NMY X . -7.81 3.04 -17.16
N7 NMY X . -8.66 2.63 -16.05
C12 NMY X . -8.68 3.51 -18.33
C11 NMY X . -7.85 4.10 -19.49
O11 NMY X . -8.75 4.67 -20.45
C10 NMY X . -6.83 5.17 -19.02
C9 NMY X . -6.00 4.67 -17.84
N9 NMY X . -5.15 5.76 -17.36
C8 NMY X . -6.86 4.16 -16.68
C13 NMY X . -8.77 3.86 -21.56
C14 NMY X . -9.88 4.04 -22.29
C15 NMY X . -9.46 3.52 -23.68
C16 NMY X . -7.91 3.90 -23.77
O16 NMY X . -7.54 4.25 -22.57
C17 NMY X . -7.70 5.07 -24.76
C21 NMY X . -8.99 -0.46 -26.78
C20 NMY X . -10.35 -0.47 -26.17
C19 NMY X . -10.44 0.35 -24.94
C18 NMY X . -9.87 1.73 -25.06
O18 NMY X . -9.63 2.19 -23.74
C22 NMY X . -8.57 0.99 -27.15
O22 NMY X . -8.61 1.81 -25.82
C23 NMY X . -7.27 1.00 -27.66
N6 NMY X . -6.19 9.55 -17.24
O14 NMY X . -10.99 3.24 -21.75
O20 NMY X . -11.31 0.04 -27.17
O21 NMY X . -8.07 -0.99 -25.85
O17 NMY X . -6.32 5.41 -24.80
O12 NMY X . -9.41 2.39 -18.81
N19 NMY X . -6.31 1.10 -26.57
N23 NMY X . -9.69 -0.39 -23.83
P AMP Y . -2.47 10.77 -20.28
O1P AMP Y . -1.14 11.16 -19.68
O2P AMP Y . -3.57 11.79 -19.69
O5' AMP Y . -2.45 11.14 -21.86
C5' AMP Y . -1.39 10.71 -22.70
C4' AMP Y . -1.80 10.89 -24.16
O4' AMP Y . -3.02 10.16 -24.38
C3' AMP Y . -2.07 12.34 -24.53
O3' AMP Y . -0.99 12.88 -25.29
C2' AMP Y . -3.33 12.30 -25.37
O2' AMP Y . -3.01 12.31 -26.76
C1' AMP Y . -4.01 11.00 -24.99
N9 AMP Y . -5.06 11.27 -23.99
C8 AMP Y . -5.17 12.38 -23.22
N7 AMP Y . -6.24 12.31 -22.40
C5 AMP Y . -6.85 11.14 -22.64
C6 AMP Y . -8.05 10.45 -22.12
N6 AMP Y . -8.83 11.00 -21.15
N1 AMP Y . -8.36 9.24 -22.64
C2 AMP Y . -7.60 8.67 -23.60
N3 AMP Y . -6.50 9.24 -24.11
C4 AMP Y . -6.08 10.46 -23.69
O11 PPV Z . -0.47 13.72 -21.26
P1 PPV Z . 0.73 13.92 -22.16
O21 PPV Z . 0.27 14.37 -23.52
O31 PPV Z . 1.49 12.61 -22.28
OPP PPV Z . 1.72 15.08 -21.51
P2 PPV Z . 2.55 14.95 -20.10
O12 PPV Z . 1.84 15.76 -19.04
O22 PPV Z . 2.62 13.50 -19.67
O32 PPV Z . 3.94 15.49 -20.29
MG MG AA . -0.45 9.09 -18.41
MG MG BA . 2.33 11.01 -20.49
#